data_3EJR
#
_entry.id   3EJR
#
_cell.length_a   69.075
_cell.length_b   110.023
_cell.length_c   139.057
_cell.angle_alpha   90.000
_cell.angle_beta   90.000
_cell.angle_gamma   90.000
#
_symmetry.space_group_name_H-M   'P 21 21 21'
#
loop_
_entity.id
_entity.type
_entity.pdbx_description
1 polymer 'Alpha-mannosidase 2'
2 non-polymer 2-acetamido-2-deoxy-beta-D-glucopyranose
3 non-polymer 'ZINC ION'
4 non-polymer (4R)-2-METHYLPENTANE-2,4-DIOL
5 non-polymer 1-(4-tert-butylphenyl)-2-[(1S,2R,5R,8R,8aR)-1,2,8-trihydroxyoctahydroindolizin-5-yl]ethanone
6 water water
#
_entity_poly.entity_id   1
_entity_poly.type   'polypeptide(L)'
_entity_poly.pdbx_seq_one_letter_code
;RSSHHHHHHGEFDDPIRPPLKVARSPRPGQCQDVVQDVPNVDVQMLELYDRMSFKDIDGGVWKQGWNIKYDPLKYNAHHK
LKVFVVPHSHNDPGWIQTFEEYYQHDTKHILSNALRHLHDNPEMKFIWAEISYFARFYHDLGENKKLQMKSIVKNGQLEF
VTGGWVMPDEANSHWRNVLLQLTEGQTWLKQFMNVTPTASWAIDPFGHSPTMPYILQKSGFKNMLIQRTHYSVKKELAQQ
RQLEFLWRQIWDNKGDTALFTHMMPFYSYDIPHTCGPDPKVCCQFDFKRMGSFGLSCPWKVPPRTISDQNVAARSDLLVD
QWKKKAELYRTNVLLIPLGDDFRFKQNTEWDVQRVNYERLFEHINSQAHFNVQAQFGTLQEYFDAVHQAERAGQAEFPTL
SGDFFTYADRSDNYWSGYYTSRPYHKRMDRVLMHYVRAAEMLSAWHSWDGMARIEERLEQARRELSLFQHHDGITGTAKT
HVVVDYEQRMQEALKACQMVMQQSVYRLLTKPSIYSPDFSFSYFTLDDSRWPGSGVEDSRTTIILGEDILPSKHVVMHNT
LPHWREQLVDFYVSSPFVSVTDLANNPVEAQVSPVWSWHHDTLTKTIHPQGSTTKYRIIFKARVPPMGLATYVLTISDSK
PEHTSYASNLLLRKNPTSLPLGQYPEDVKFGDPREISLRVGNGPTLAFSEQGLLKSIQLTQDSPHVPVHFKFLKYGVRSH
GDRSGAYLFLPNGPASPVELGQPVVLVTKGKLESSVSVGLPSVVHQTIMRGGAPEIRNLVDIGSLDNTEIVMRLETHIDS
GDIFYTDLNGLQFIKRRRLDKLPLQANYYPIPSGMFIEDANTRLTLLTGQPLGGSSLASGELEIMQDRRLASDDERGLGQ
GVLDNKPVLHIYRLVLEKVNNCVRPSKLHPAGYLTSAAHKASQSLLDPLDKFIFAENEWIGAQGQFGGDHPSAREDLDVS
VMRRLTKSSAKTQRVGYVLHRTNLMQCGTPEEHTQKLDVCHLLPNVARCERTTLTFLQNLEHLDGMVAPEVCPMETAAYV
SSHSS
;
_entity_poly.pdbx_strand_id   A
#
# COMPACT_ATOMS: atom_id res chain seq x y z
N GLN A 30 -30.36 -9.74 2.69
CA GLN A 30 -29.41 -9.61 1.54
C GLN A 30 -27.97 -9.40 2.02
N CYS A 31 -27.54 -8.14 2.12
CA CYS A 31 -26.18 -7.82 2.57
C CYS A 31 -26.01 -8.11 4.06
N GLN A 32 -24.86 -8.65 4.43
CA GLN A 32 -24.46 -8.79 5.84
C GLN A 32 -24.34 -7.42 6.48
N ASP A 33 -24.71 -7.35 7.75
CA ASP A 33 -24.54 -6.15 8.55
C ASP A 33 -23.12 -6.14 9.12
N VAL A 34 -22.30 -5.18 8.70
CA VAL A 34 -20.89 -5.15 9.07
C VAL A 34 -20.64 -4.36 10.35
N VAL A 35 -21.71 -3.86 10.97
CA VAL A 35 -21.60 -2.99 12.14
C VAL A 35 -22.09 -3.64 13.43
N GLN A 36 -23.26 -4.28 13.34
CA GLN A 36 -24.05 -4.63 14.53
C GLN A 36 -23.97 -6.09 14.94
N ASP A 37 -23.28 -6.93 14.17
CA ASP A 37 -23.17 -8.35 14.48
C ASP A 37 -21.71 -8.71 14.74
N VAL A 38 -21.33 -8.88 16.00
CA VAL A 38 -19.94 -9.23 16.34
C VAL A 38 -19.68 -10.71 15.95
N PRO A 39 -18.72 -10.96 15.03
CA PRO A 39 -18.51 -12.37 14.66
C PRO A 39 -18.02 -13.22 15.80
N ASN A 40 -18.44 -14.48 15.80
CA ASN A 40 -17.98 -15.45 16.75
C ASN A 40 -16.87 -16.28 16.11
N VAL A 41 -15.63 -16.07 16.56
CA VAL A 41 -14.46 -16.76 15.99
C VAL A 41 -13.69 -17.42 17.11
N ASP A 42 -12.98 -18.49 16.79
CA ASP A 42 -12.18 -19.17 17.81
C ASP A 42 -11.00 -18.36 18.28
N VAL A 43 -10.38 -17.62 17.35
CA VAL A 43 -9.24 -16.77 17.68
C VAL A 43 -9.52 -15.38 17.12
N GLN A 44 -9.56 -14.36 17.99
CA GLN A 44 -9.72 -12.99 17.58
C GLN A 44 -8.46 -12.28 18.05
N MET A 45 -7.66 -11.76 17.14
CA MET A 45 -6.29 -11.37 17.49
C MET A 45 -6.19 -10.25 18.52
N LEU A 46 -7.16 -9.33 18.53
CA LEU A 46 -7.13 -8.27 19.55
C LEU A 46 -7.36 -8.87 20.95
N GLU A 47 -8.30 -9.82 21.02
CA GLU A 47 -8.60 -10.51 22.27
C GLU A 47 -7.39 -11.34 22.69
N LEU A 48 -6.78 -12.05 21.76
CA LEU A 48 -5.59 -12.82 22.07
C LEU A 48 -4.47 -11.94 22.63
N TYR A 49 -4.23 -10.80 21.99
CA TYR A 49 -3.26 -9.83 22.46
C TYR A 49 -3.53 -9.37 23.89
N ASP A 50 -4.79 -9.15 24.21
CA ASP A 50 -5.17 -8.68 25.55
C ASP A 50 -4.80 -9.72 26.62
N ARG A 51 -4.97 -11.01 26.28
N ARG A 51 -4.92 -11.00 26.28
CA ARG A 51 -4.72 -12.10 27.21
CA ARG A 51 -4.74 -12.09 27.25
C ARG A 51 -3.25 -12.47 27.33
C ARG A 51 -3.34 -12.72 27.26
N MET A 52 -2.56 -12.53 26.20
CA MET A 52 -1.17 -13.02 26.14
C MET A 52 -0.21 -12.23 27.00
N SER A 53 0.77 -12.92 27.58
CA SER A 53 1.78 -12.24 28.41
C SER A 53 3.07 -11.86 27.65
N PHE A 54 3.31 -12.48 26.50
CA PHE A 54 4.46 -12.13 25.65
C PHE A 54 5.81 -12.35 26.36
N LYS A 55 5.90 -13.33 27.26
CA LYS A 55 7.18 -13.58 27.92
C LYS A 55 8.18 -14.19 26.93
N ASP A 56 9.40 -13.69 26.96
CA ASP A 56 10.44 -14.09 26.03
C ASP A 56 11.42 -15.03 26.74
N ILE A 57 10.99 -16.26 26.97
CA ILE A 57 11.83 -17.22 27.70
C ILE A 57 12.54 -18.17 26.75
N ASP A 58 13.69 -18.65 27.18
CA ASP A 58 14.49 -19.62 26.44
C ASP A 58 13.77 -20.97 26.45
N GLY A 59 13.26 -21.36 25.29
CA GLY A 59 12.53 -22.59 25.16
C GLY A 59 13.39 -23.83 24.93
N GLY A 60 14.71 -23.65 24.88
CA GLY A 60 15.61 -24.77 24.57
C GLY A 60 16.07 -24.68 23.12
N VAL A 61 16.24 -25.83 22.46
CA VAL A 61 16.68 -25.84 21.05
C VAL A 61 15.71 -25.03 20.16
N TRP A 62 14.41 -25.15 20.43
CA TRP A 62 13.42 -24.26 19.82
C TRP A 62 13.40 -23.05 20.74
N LYS A 63 14.19 -22.03 20.40
CA LYS A 63 14.47 -20.96 21.36
C LYS A 63 13.24 -20.22 21.82
N GLN A 64 12.24 -20.10 20.94
CA GLN A 64 11.04 -19.34 21.28
C GLN A 64 9.81 -20.21 21.49
N GLY A 65 10.04 -21.52 21.69
CA GLY A 65 8.95 -22.48 21.90
C GLY A 65 9.16 -23.28 23.18
N TRP A 66 9.11 -24.60 23.04
CA TRP A 66 9.30 -25.53 24.17
C TRP A 66 9.83 -26.81 23.59
N ASN A 67 10.24 -27.75 24.46
CA ASN A 67 10.72 -29.08 24.02
C ASN A 67 9.53 -29.94 23.61
N ILE A 68 9.32 -30.10 22.31
CA ILE A 68 8.16 -30.83 21.81
C ILE A 68 8.31 -32.32 22.09
N LYS A 69 7.22 -32.90 22.58
CA LYS A 69 7.16 -34.34 22.83
C LYS A 69 6.09 -34.96 21.97
N TYR A 70 6.30 -36.20 21.52
CA TYR A 70 5.28 -36.90 20.77
C TYR A 70 5.21 -38.35 21.21
N ASP A 71 4.04 -38.94 21.00
CA ASP A 71 3.83 -40.37 21.25
C ASP A 71 4.25 -41.15 20.01
N PRO A 72 5.33 -41.97 20.13
CA PRO A 72 5.76 -42.73 18.94
C PRO A 72 4.66 -43.61 18.34
N LEU A 73 3.67 -43.99 19.16
CA LEU A 73 2.57 -44.84 18.72
C LEU A 73 1.46 -44.11 17.96
N LYS A 74 1.58 -42.79 17.83
CA LYS A 74 0.58 -42.00 17.12
C LYS A 74 0.47 -42.41 15.64
N TYR A 75 1.62 -42.70 15.03
CA TYR A 75 1.66 -43.14 13.65
C TYR A 75 1.92 -44.65 13.61
N ASN A 76 1.23 -45.34 12.69
CA ASN A 76 1.31 -46.80 12.53
C ASN A 76 0.95 -47.20 11.09
N ALA A 77 0.91 -48.49 10.79
CA ALA A 77 0.67 -48.94 9.40
C ALA A 77 -0.62 -48.40 8.79
N HIS A 78 -1.62 -48.15 9.62
CA HIS A 78 -2.93 -47.70 9.15
C HIS A 78 -3.10 -46.19 9.25
N HIS A 79 -2.09 -45.53 9.80
CA HIS A 79 -2.11 -44.09 9.98
C HIS A 79 -0.67 -43.53 9.90
N LYS A 80 -0.21 -43.30 8.68
CA LYS A 80 1.16 -42.88 8.44
C LYS A 80 1.25 -41.35 8.38
N LEU A 81 2.44 -40.84 8.64
CA LEU A 81 2.71 -39.41 8.43
C LEU A 81 3.14 -39.19 6.99
N LYS A 82 2.41 -38.34 6.26
CA LYS A 82 2.72 -38.05 4.87
C LYS A 82 3.50 -36.75 4.86
N VAL A 83 4.73 -36.77 4.34
CA VAL A 83 5.63 -35.62 4.40
C VAL A 83 5.90 -35.10 2.99
N PHE A 84 5.61 -33.81 2.78
CA PHE A 84 5.89 -33.15 1.50
C PHE A 84 7.05 -32.18 1.66
N VAL A 85 8.18 -32.50 1.03
CA VAL A 85 9.36 -31.65 1.01
C VAL A 85 9.24 -30.77 -0.22
N VAL A 86 9.13 -29.45 -0.01
CA VAL A 86 8.80 -28.53 -1.10
C VAL A 86 9.99 -27.61 -1.40
N PRO A 87 10.76 -27.92 -2.46
CA PRO A 87 11.92 -27.08 -2.81
C PRO A 87 11.49 -25.69 -3.27
N HIS A 88 12.22 -24.67 -2.84
CA HIS A 88 11.87 -23.28 -3.18
C HIS A 88 13.11 -22.40 -3.21
N SER A 89 12.97 -21.22 -3.78
CA SER A 89 14.07 -20.28 -3.88
C SER A 89 13.48 -18.87 -3.75
N HIS A 90 13.85 -18.17 -2.68
CA HIS A 90 13.25 -16.86 -2.43
C HIS A 90 14.04 -15.79 -3.21
N ASN A 91 13.38 -15.17 -4.20
CA ASN A 91 14.05 -14.25 -5.11
C ASN A 91 13.48 -12.84 -5.00
N ASP A 92 14.22 -11.95 -4.38
CA ASP A 92 13.75 -10.58 -4.19
C ASP A 92 13.92 -9.75 -5.45
N PRO A 93 12.83 -9.13 -5.96
CA PRO A 93 12.92 -8.18 -7.10
C PRO A 93 13.51 -6.84 -6.66
N GLY A 94 14.77 -6.88 -6.24
CA GLY A 94 15.50 -5.75 -5.67
C GLY A 94 15.58 -5.87 -4.15
N TRP A 95 16.78 -5.60 -3.60
CA TRP A 95 17.01 -5.50 -2.15
C TRP A 95 18.43 -4.96 -1.95
N ILE A 96 19.43 -5.84 -1.93
CA ILE A 96 20.86 -5.47 -1.90
C ILE A 96 21.45 -5.24 -3.29
N GLN A 97 20.75 -5.75 -4.30
N GLN A 97 20.78 -5.75 -4.32
CA GLN A 97 21.05 -5.52 -5.72
CA GLN A 97 21.09 -5.43 -5.71
C GLN A 97 19.76 -5.05 -6.38
C GLN A 97 19.78 -5.05 -6.38
N THR A 98 19.85 -4.44 -7.56
CA THR A 98 18.64 -4.10 -8.31
C THR A 98 18.01 -5.36 -8.90
N PHE A 99 16.76 -5.24 -9.34
CA PHE A 99 16.12 -6.29 -10.10
C PHE A 99 17.01 -6.84 -11.21
N GLU A 100 17.53 -5.95 -12.05
CA GLU A 100 18.31 -6.42 -13.20
C GLU A 100 19.65 -7.05 -12.76
N GLU A 101 20.29 -6.49 -11.74
CA GLU A 101 21.54 -7.08 -11.22
C GLU A 101 21.31 -8.49 -10.69
N TYR A 102 20.29 -8.67 -9.87
CA TYR A 102 19.97 -10.02 -9.39
C TYR A 102 19.59 -10.94 -10.55
N TYR A 103 18.84 -10.42 -11.52
CA TYR A 103 18.44 -11.27 -12.63
C TYR A 103 19.68 -11.82 -13.34
N GLN A 104 20.64 -10.94 -13.63
CA GLN A 104 21.83 -11.33 -14.38
C GLN A 104 22.74 -12.23 -13.57
N HIS A 105 22.87 -11.94 -12.28
CA HIS A 105 23.85 -12.64 -11.43
CA HIS A 105 23.86 -12.67 -11.49
C HIS A 105 23.32 -13.96 -10.87
N ASP A 106 22.01 -14.01 -10.60
CA ASP A 106 21.44 -15.12 -9.86
C ASP A 106 20.20 -15.73 -10.52
N THR A 107 19.14 -14.95 -10.68
CA THR A 107 17.84 -15.54 -11.00
C THR A 107 17.81 -16.21 -12.37
N LYS A 108 18.48 -15.65 -13.37
CA LYS A 108 18.43 -16.31 -14.67
C LYS A 108 19.09 -17.70 -14.65
N HIS A 109 20.09 -17.84 -13.80
CA HIS A 109 20.76 -19.13 -13.61
C HIS A 109 19.92 -20.10 -12.82
N ILE A 110 19.23 -19.61 -11.79
CA ILE A 110 18.31 -20.45 -11.01
C ILE A 110 17.23 -21.02 -11.93
N LEU A 111 16.62 -20.18 -12.75
CA LEU A 111 15.53 -20.64 -13.61
C LEU A 111 16.02 -21.53 -14.74
N SER A 112 17.17 -21.20 -15.31
CA SER A 112 17.77 -22.06 -16.35
C SER A 112 18.08 -23.46 -15.79
N ASN A 113 18.66 -23.48 -14.60
CA ASN A 113 19.01 -24.77 -13.99
C ASN A 113 17.81 -25.52 -13.44
N ALA A 114 16.78 -24.79 -12.99
CA ALA A 114 15.51 -25.45 -12.63
C ALA A 114 14.91 -26.14 -13.84
N LEU A 115 14.92 -25.46 -14.99
CA LEU A 115 14.35 -26.05 -16.19
C LEU A 115 15.09 -27.36 -16.54
N ARG A 116 16.41 -27.30 -16.52
CA ARG A 116 17.23 -28.47 -16.87
C ARG A 116 17.00 -29.62 -15.87
N HIS A 117 17.12 -29.30 -14.59
CA HIS A 117 17.06 -30.34 -13.56
C HIS A 117 15.70 -30.97 -13.39
N LEU A 118 14.64 -30.17 -13.50
CA LEU A 118 13.29 -30.73 -13.43
C LEU A 118 13.00 -31.58 -14.67
N HIS A 119 13.40 -31.08 -15.82
CA HIS A 119 13.26 -31.85 -17.06
C HIS A 119 13.88 -33.25 -16.90
N ASP A 120 15.09 -33.30 -16.38
CA ASP A 120 15.86 -34.54 -16.32
C ASP A 120 15.53 -35.45 -15.13
N ASN A 121 14.78 -34.93 -14.15
CA ASN A 121 14.48 -35.65 -12.92
C ASN A 121 12.99 -35.56 -12.61
N PRO A 122 12.20 -36.48 -13.21
CA PRO A 122 10.74 -36.33 -13.20
C PRO A 122 10.05 -36.25 -11.84
N GLU A 123 10.68 -36.76 -10.78
CA GLU A 123 10.07 -36.72 -9.45
C GLU A 123 10.45 -35.47 -8.65
N MET A 124 11.43 -34.71 -9.14
CA MET A 124 11.84 -33.47 -8.48
C MET A 124 10.74 -32.40 -8.70
N LYS A 125 10.57 -31.52 -7.71
CA LYS A 125 9.54 -30.48 -7.73
C LYS A 125 10.15 -29.15 -7.32
N PHE A 126 9.44 -28.06 -7.63
CA PHE A 126 9.95 -26.70 -7.31
C PHE A 126 8.77 -25.76 -7.37
N ILE A 127 8.71 -24.81 -6.45
CA ILE A 127 7.68 -23.75 -6.50
C ILE A 127 8.32 -22.40 -6.80
N TRP A 128 7.53 -21.55 -7.47
CA TRP A 128 8.01 -20.23 -7.90
C TRP A 128 6.96 -19.16 -7.62
N ALA A 129 7.39 -18.06 -6.99
CA ALA A 129 6.47 -17.01 -6.58
C ALA A 129 6.48 -15.72 -7.42
N GLU A 130 7.67 -15.25 -7.82
CA GLU A 130 7.81 -13.86 -8.31
C GLU A 130 7.72 -13.83 -9.85
N ILE A 131 6.57 -13.40 -10.38
CA ILE A 131 6.36 -13.48 -11.83
C ILE A 131 7.11 -12.38 -12.58
N SER A 132 7.48 -11.30 -11.91
CA SER A 132 8.33 -10.29 -12.57
C SER A 132 9.61 -10.95 -13.13
N TYR A 133 10.26 -11.78 -12.31
CA TYR A 133 11.44 -12.52 -12.75
C TYR A 133 11.11 -13.57 -13.80
N PHE A 134 10.05 -14.34 -13.56
CA PHE A 134 9.74 -15.44 -14.45
C PHE A 134 9.40 -14.95 -15.86
N ALA A 135 8.64 -13.86 -15.94
CA ALA A 135 8.27 -13.28 -17.24
C ALA A 135 9.51 -12.81 -17.98
N ARG A 136 10.42 -12.14 -17.28
CA ARG A 136 11.68 -11.69 -17.88
C ARG A 136 12.44 -12.91 -18.45
N PHE A 137 12.58 -13.96 -17.63
CA PHE A 137 13.30 -15.16 -18.06
C PHE A 137 12.66 -15.81 -19.29
N TYR A 138 11.36 -16.07 -19.19
CA TYR A 138 10.62 -16.81 -20.21
C TYR A 138 10.67 -16.11 -21.56
N HIS A 139 10.51 -14.80 -21.56
CA HIS A 139 10.53 -14.08 -22.82
CA HIS A 139 10.54 -14.04 -22.80
C HIS A 139 11.89 -14.18 -23.52
N ASP A 140 12.96 -14.34 -22.73
CA ASP A 140 14.32 -14.46 -23.31
C ASP A 140 14.69 -15.87 -23.77
N LEU A 141 13.86 -16.86 -23.44
CA LEU A 141 14.10 -18.25 -23.86
C LEU A 141 13.83 -18.46 -25.33
N GLY A 142 14.64 -19.32 -25.96
CA GLY A 142 14.32 -19.85 -27.27
C GLY A 142 13.06 -20.71 -27.21
N GLU A 143 12.42 -20.88 -28.36
CA GLU A 143 11.15 -21.59 -28.43
C GLU A 143 11.22 -23.03 -27.91
N ASN A 144 12.31 -23.74 -28.21
CA ASN A 144 12.47 -25.12 -27.71
C ASN A 144 12.39 -25.15 -26.18
N LYS A 145 13.09 -24.22 -25.54
CA LYS A 145 13.09 -24.15 -24.09
C LYS A 145 11.75 -23.63 -23.52
N LYS A 146 11.08 -22.69 -24.21
CA LYS A 146 9.72 -22.29 -23.80
C LYS A 146 8.82 -23.51 -23.74
N LEU A 147 8.91 -24.38 -24.75
CA LEU A 147 8.06 -25.57 -24.80
C LEU A 147 8.42 -26.54 -23.66
N GLN A 148 9.71 -26.71 -23.39
CA GLN A 148 10.14 -27.56 -22.28
C GLN A 148 9.60 -27.00 -20.95
N MET A 149 9.65 -25.68 -20.81
CA MET A 149 9.15 -25.03 -19.59
C MET A 149 7.64 -25.24 -19.43
N LYS A 150 6.88 -25.02 -20.50
CA LYS A 150 5.45 -25.24 -20.44
C LYS A 150 5.14 -26.69 -20.02
N SER A 151 5.96 -27.64 -20.46
CA SER A 151 5.71 -29.04 -20.14
C SER A 151 5.93 -29.39 -18.67
N ILE A 152 6.97 -28.83 -18.05
CA ILE A 152 7.19 -29.11 -16.62
C ILE A 152 6.20 -28.37 -15.72
N VAL A 153 5.56 -27.31 -16.23
CA VAL A 153 4.46 -26.67 -15.52
C VAL A 153 3.18 -27.49 -15.70
N LYS A 154 2.89 -27.85 -16.94
CA LYS A 154 1.69 -28.64 -17.23
C LYS A 154 1.67 -29.97 -16.45
N ASN A 155 2.83 -30.59 -16.30
CA ASN A 155 2.94 -31.89 -15.61
C ASN A 155 3.08 -31.77 -14.09
N GLY A 156 3.08 -30.54 -13.58
CA GLY A 156 3.05 -30.30 -12.14
C GLY A 156 4.38 -30.34 -11.40
N GLN A 157 5.49 -30.39 -12.13
CA GLN A 157 6.81 -30.36 -11.48
C GLN A 157 7.18 -28.97 -10.99
N LEU A 158 6.95 -27.97 -11.84
CA LEU A 158 7.18 -26.58 -11.48
C LEU A 158 5.80 -25.97 -11.24
N GLU A 159 5.59 -25.45 -10.03
CA GLU A 159 4.28 -24.91 -9.66
C GLU A 159 4.42 -23.45 -9.22
N PHE A 160 3.58 -22.60 -9.78
CA PHE A 160 3.53 -21.21 -9.35
C PHE A 160 2.68 -21.08 -8.11
N VAL A 161 3.21 -20.31 -7.16
CA VAL A 161 2.53 -20.03 -5.91
C VAL A 161 2.27 -18.52 -5.85
N THR A 162 1.03 -18.17 -5.51
CA THR A 162 0.48 -16.81 -5.60
C THR A 162 0.38 -16.34 -7.05
N GLY A 163 1.54 -16.18 -7.70
CA GLY A 163 1.53 -15.73 -9.08
C GLY A 163 1.43 -14.23 -9.25
N GLY A 164 1.71 -13.48 -8.19
CA GLY A 164 1.82 -12.02 -8.34
C GLY A 164 3.13 -11.59 -8.98
N TRP A 165 3.16 -10.36 -9.48
CA TRP A 165 4.38 -9.80 -10.01
C TRP A 165 5.49 -9.89 -8.95
N VAL A 166 5.11 -9.69 -7.68
CA VAL A 166 6.04 -9.75 -6.56
C VAL A 166 5.37 -10.47 -5.39
N MET A 167 6.10 -10.57 -4.28
CA MET A 167 5.55 -10.97 -3.00
C MET A 167 5.47 -9.68 -2.18
N PRO A 168 4.29 -9.05 -2.16
CA PRO A 168 4.27 -7.66 -1.67
C PRO A 168 4.39 -7.48 -0.18
N ASP A 169 4.89 -6.31 0.20
CA ASP A 169 4.66 -5.82 1.55
C ASP A 169 3.15 -5.87 1.85
N GLU A 170 2.81 -6.12 3.11
CA GLU A 170 1.40 -6.15 3.52
C GLU A 170 1.03 -4.99 4.46
N ALA A 171 2.03 -4.20 4.89
CA ALA A 171 1.78 -3.12 5.85
C ALA A 171 1.48 -1.78 5.16
N ASN A 172 2.35 -1.39 4.22
CA ASN A 172 2.29 -0.05 3.62
C ASN A 172 1.49 -0.02 2.32
N SER A 173 1.33 -1.19 1.72
CA SER A 173 0.74 -1.28 0.39
C SER A 173 -0.74 -0.95 0.43
N HIS A 174 -1.22 -0.24 -0.59
CA HIS A 174 -2.65 -0.02 -0.74
C HIS A 174 -3.27 -1.27 -1.37
N TRP A 175 -4.47 -1.65 -0.93
CA TRP A 175 -5.13 -2.82 -1.49
C TRP A 175 -5.26 -2.73 -3.00
N ARG A 176 -5.45 -1.52 -3.53
CA ARG A 176 -5.59 -1.38 -4.98
C ARG A 176 -4.32 -1.83 -5.69
N ASN A 177 -3.15 -1.55 -5.09
CA ASN A 177 -1.88 -1.94 -5.72
C ASN A 177 -1.53 -3.40 -5.44
N VAL A 178 -2.01 -3.94 -4.33
CA VAL A 178 -1.86 -5.39 -4.11
C VAL A 178 -2.64 -6.12 -5.22
N LEU A 179 -3.85 -5.67 -5.50
CA LEU A 179 -4.63 -6.27 -6.57
C LEU A 179 -3.95 -6.05 -7.93
N LEU A 180 -3.42 -4.85 -8.16
CA LEU A 180 -2.77 -4.54 -9.43
C LEU A 180 -1.63 -5.53 -9.70
N GLN A 181 -0.76 -5.73 -8.71
CA GLN A 181 0.40 -6.59 -8.95
C GLN A 181 0.00 -8.06 -9.06
N LEU A 182 -1.02 -8.47 -8.29
CA LEU A 182 -1.53 -9.83 -8.39
C LEU A 182 -2.05 -10.07 -9.82
N THR A 183 -2.82 -9.10 -10.31
CA THR A 183 -3.39 -9.20 -11.65
C THR A 183 -2.31 -9.22 -12.72
N GLU A 184 -1.26 -8.42 -12.54
CA GLU A 184 -0.19 -8.35 -13.53
C GLU A 184 0.48 -9.72 -13.67
N GLY A 185 0.85 -10.33 -12.54
CA GLY A 185 1.46 -11.65 -12.61
C GLY A 185 0.51 -12.73 -13.13
N GLN A 186 -0.73 -12.73 -12.63
CA GLN A 186 -1.63 -13.83 -12.98
C GLN A 186 -2.09 -13.70 -14.43
N THR A 187 -2.24 -12.49 -14.95
CA THR A 187 -2.63 -12.34 -16.35
C THR A 187 -1.53 -12.88 -17.24
N TRP A 188 -0.26 -12.62 -16.89
CA TRP A 188 0.87 -13.17 -17.62
C TRP A 188 0.84 -14.71 -17.55
N LEU A 189 0.64 -15.25 -16.35
CA LEU A 189 0.61 -16.73 -16.20
C LEU A 189 -0.50 -17.37 -17.02
N LYS A 190 -1.68 -16.77 -17.04
CA LYS A 190 -2.77 -17.36 -17.81
C LYS A 190 -2.42 -17.38 -19.30
N GLN A 191 -1.89 -16.27 -19.79
CA GLN A 191 -1.57 -16.16 -21.21
C GLN A 191 -0.47 -17.12 -21.65
N PHE A 192 0.61 -17.18 -20.89
CA PHE A 192 1.79 -17.90 -21.34
C PHE A 192 1.93 -19.30 -20.78
N MET A 193 1.42 -19.53 -19.57
CA MET A 193 1.60 -20.83 -18.91
C MET A 193 0.28 -21.57 -18.75
N ASN A 194 -0.83 -20.92 -19.09
CA ASN A 194 -2.14 -21.54 -18.95
C ASN A 194 -2.45 -22.09 -17.55
N VAL A 195 -2.07 -21.34 -16.52
CA VAL A 195 -2.38 -21.73 -15.14
C VAL A 195 -2.72 -20.48 -14.32
N THR A 196 -3.54 -20.68 -13.29
CA THR A 196 -3.90 -19.65 -12.33
C THR A 196 -3.76 -20.27 -10.93
N PRO A 197 -2.73 -19.86 -10.17
CA PRO A 197 -2.54 -20.39 -8.83
C PRO A 197 -3.74 -20.16 -7.93
N THR A 198 -4.02 -21.13 -7.09
CA THR A 198 -5.08 -21.02 -6.08
C THR A 198 -4.50 -21.16 -4.66
N ALA A 199 -3.18 -21.28 -4.56
CA ALA A 199 -2.49 -21.29 -3.26
C ALA A 199 -1.48 -20.16 -3.26
N SER A 200 -1.43 -19.43 -2.14
CA SER A 200 -0.53 -18.30 -1.97
C SER A 200 0.61 -18.64 -1.01
N TRP A 201 1.78 -18.05 -1.27
CA TRP A 201 3.03 -18.27 -0.50
C TRP A 201 3.61 -16.91 -0.16
N ALA A 202 3.61 -16.55 1.13
CA ALA A 202 4.14 -15.26 1.58
C ALA A 202 5.05 -15.50 2.77
N ILE A 203 6.33 -15.80 2.48
CA ILE A 203 7.28 -16.21 3.50
C ILE A 203 8.12 -15.08 4.08
N ASP A 204 8.14 -13.91 3.43
CA ASP A 204 9.05 -12.83 3.86
C ASP A 204 8.45 -11.45 4.23
N PRO A 205 7.19 -11.10 3.89
CA PRO A 205 6.75 -9.75 4.34
C PRO A 205 6.76 -9.63 5.87
N PHE A 206 6.93 -8.40 6.38
CA PHE A 206 7.30 -8.24 7.79
C PHE A 206 6.03 -8.05 8.66
N GLY A 207 5.32 -9.15 8.87
CA GLY A 207 3.97 -9.13 9.42
C GLY A 207 2.95 -9.28 8.30
N HIS A 208 1.72 -9.65 8.65
CA HIS A 208 0.71 -10.03 7.67
C HIS A 208 -0.65 -9.38 7.90
N SER A 209 -1.32 -9.06 6.80
CA SER A 209 -2.59 -8.33 6.80
C SER A 209 -3.75 -9.19 6.30
N PRO A 210 -4.94 -9.05 6.91
CA PRO A 210 -6.12 -9.76 6.40
C PRO A 210 -6.59 -9.23 5.03
N THR A 211 -6.02 -8.11 4.56
CA THR A 211 -6.34 -7.66 3.21
C THR A 211 -5.94 -8.74 2.20
N MET A 212 -4.89 -9.51 2.51
CA MET A 212 -4.47 -10.56 1.59
C MET A 212 -5.54 -11.65 1.38
N PRO A 213 -6.00 -12.34 2.44
CA PRO A 213 -7.09 -13.31 2.18
C PRO A 213 -8.32 -12.66 1.59
N TYR A 214 -8.61 -11.39 1.92
CA TYR A 214 -9.77 -10.70 1.33
C TYR A 214 -9.65 -10.70 -0.19
N ILE A 215 -8.52 -10.21 -0.71
CA ILE A 215 -8.33 -10.14 -2.16
C ILE A 215 -8.21 -11.54 -2.77
N LEU A 216 -7.41 -12.40 -2.13
CA LEU A 216 -7.17 -13.74 -2.69
C LEU A 216 -8.45 -14.54 -2.79
N GLN A 217 -9.30 -14.50 -1.75
CA GLN A 217 -10.52 -15.30 -1.75
C GLN A 217 -11.48 -14.82 -2.85
N LYS A 218 -11.41 -13.54 -3.21
CA LYS A 218 -12.22 -12.94 -4.29
C LYS A 218 -11.53 -13.08 -5.66
N SER A 219 -10.39 -13.77 -5.68
CA SER A 219 -9.59 -14.00 -6.89
C SER A 219 -9.36 -15.49 -7.12
N GLY A 220 -10.25 -16.32 -6.59
CA GLY A 220 -10.24 -17.77 -6.87
C GLY A 220 -9.40 -18.61 -5.93
N PHE A 221 -8.70 -17.98 -4.97
CA PHE A 221 -7.81 -18.77 -4.12
C PHE A 221 -8.57 -19.65 -3.13
N LYS A 222 -7.94 -20.76 -2.77
CA LYS A 222 -8.45 -21.68 -1.78
C LYS A 222 -7.56 -21.81 -0.55
N ASN A 223 -6.29 -21.41 -0.63
CA ASN A 223 -5.33 -21.63 0.48
C ASN A 223 -4.26 -20.57 0.45
N MET A 224 -3.70 -20.27 1.61
CA MET A 224 -2.57 -19.34 1.69
C MET A 224 -1.64 -19.72 2.83
N LEU A 225 -0.39 -19.31 2.70
CA LEU A 225 0.65 -19.60 3.71
C LEU A 225 1.34 -18.30 4.08
N ILE A 226 1.57 -18.14 5.40
CA ILE A 226 2.29 -16.99 5.95
C ILE A 226 3.37 -17.48 6.91
N GLN A 227 4.31 -16.58 7.19
CA GLN A 227 5.48 -16.91 8.04
C GLN A 227 5.84 -15.88 9.10
N ARG A 228 5.93 -14.60 8.77
CA ARG A 228 6.50 -13.65 9.72
C ARG A 228 5.42 -13.10 10.62
N THR A 229 5.21 -13.80 11.71
CA THR A 229 4.31 -13.39 12.76
C THR A 229 5.10 -13.39 14.07
N HIS A 230 4.67 -12.56 15.02
CA HIS A 230 5.38 -12.40 16.28
C HIS A 230 5.71 -13.76 16.90
N TYR A 231 6.93 -13.93 17.38
CA TYR A 231 7.30 -15.21 18.00
C TYR A 231 6.36 -15.65 19.12
N SER A 232 5.78 -14.69 19.84
CA SER A 232 4.87 -15.08 20.94
C SER A 232 3.54 -15.61 20.38
N VAL A 233 3.11 -15.07 19.23
CA VAL A 233 1.94 -15.57 18.55
C VAL A 233 2.17 -17.01 18.04
N LYS A 234 3.33 -17.26 17.42
CA LYS A 234 3.63 -18.63 16.97
C LYS A 234 3.54 -19.60 18.16
N LYS A 235 4.12 -19.22 19.29
CA LYS A 235 4.12 -20.13 20.46
C LYS A 235 2.70 -20.40 20.96
N GLU A 236 1.89 -19.36 21.08
CA GLU A 236 0.52 -19.48 21.59
C GLU A 236 -0.33 -20.32 20.65
N LEU A 237 -0.26 -20.03 19.35
CA LEU A 237 -1.07 -20.80 18.41
C LEU A 237 -0.55 -22.24 18.30
N ALA A 238 0.76 -22.43 18.33
CA ALA A 238 1.29 -23.79 18.27
C ALA A 238 0.77 -24.64 19.44
N GLN A 239 0.75 -24.05 20.64
CA GLN A 239 0.29 -24.78 21.83
C GLN A 239 -1.13 -25.30 21.68
N GLN A 240 -1.95 -24.57 20.91
CA GLN A 240 -3.35 -24.90 20.73
C GLN A 240 -3.62 -25.56 19.39
N ARG A 241 -2.55 -25.87 18.64
CA ARG A 241 -2.69 -26.37 17.27
C ARG A 241 -3.65 -25.49 16.44
N GLN A 242 -3.42 -24.18 16.54
CA GLN A 242 -4.21 -23.19 15.80
C GLN A 242 -3.36 -22.48 14.75
N LEU A 243 -2.32 -23.17 14.24
CA LEU A 243 -1.47 -22.58 13.20
C LEU A 243 -2.08 -22.70 11.81
N GLU A 244 -3.07 -23.59 11.65
CA GLU A 244 -3.90 -23.64 10.45
C GLU A 244 -5.30 -23.21 10.85
N PHE A 245 -5.86 -22.26 10.11
CA PHE A 245 -7.11 -21.64 10.51
C PHE A 245 -7.84 -21.08 9.31
N LEU A 246 -9.14 -20.89 9.47
CA LEU A 246 -9.97 -20.25 8.45
C LEU A 246 -10.00 -18.77 8.75
N TRP A 247 -9.24 -18.00 7.97
CA TRP A 247 -9.02 -16.58 8.24
C TRP A 247 -10.12 -15.77 7.57
N ARG A 248 -11.03 -15.21 8.39
CA ARG A 248 -12.12 -14.35 7.90
C ARG A 248 -11.88 -12.90 8.26
N GLN A 249 -12.58 -12.02 7.58
CA GLN A 249 -12.48 -10.59 7.90
C GLN A 249 -13.11 -10.28 9.26
N ILE A 250 -12.61 -9.21 9.90
CA ILE A 250 -13.00 -8.89 11.27
C ILE A 250 -14.50 -8.59 11.42
N TRP A 251 -15.15 -8.16 10.34
CA TRP A 251 -16.59 -7.81 10.38
C TRP A 251 -17.48 -8.93 9.87
N ASP A 252 -16.90 -10.05 9.43
CA ASP A 252 -17.66 -11.07 8.69
C ASP A 252 -18.34 -12.06 9.63
N ASN A 253 -19.63 -11.84 9.85
CA ASN A 253 -20.38 -12.70 10.75
C ASN A 253 -20.62 -14.13 10.22
N LYS A 254 -20.89 -14.23 8.93
CA LYS A 254 -21.27 -15.53 8.34
C LYS A 254 -20.06 -16.39 8.00
N GLY A 255 -18.97 -15.74 7.62
CA GLY A 255 -17.74 -16.47 7.26
C GLY A 255 -17.49 -16.66 5.77
N ASP A 256 -18.26 -15.99 4.92
CA ASP A 256 -18.07 -16.17 3.47
C ASP A 256 -16.73 -15.63 2.96
N THR A 257 -16.05 -14.79 3.74
CA THR A 257 -14.72 -14.31 3.33
C THR A 257 -13.59 -15.26 3.71
N ALA A 258 -13.88 -16.34 4.45
CA ALA A 258 -12.82 -17.18 5.02
C ALA A 258 -11.91 -17.80 3.97
N LEU A 259 -10.63 -17.82 4.29
CA LEU A 259 -9.63 -18.49 3.46
C LEU A 259 -8.75 -19.34 4.36
N PHE A 260 -8.61 -20.61 4.01
CA PHE A 260 -7.71 -21.49 4.77
C PHE A 260 -6.28 -20.97 4.75
N THR A 261 -5.68 -20.84 5.93
CA THR A 261 -4.37 -20.25 6.08
C THR A 261 -3.50 -21.17 6.91
N HIS A 262 -2.25 -21.37 6.43
CA HIS A 262 -1.22 -22.08 7.18
C HIS A 262 -0.16 -21.09 7.62
N MET A 263 0.04 -20.97 8.93
CA MET A 263 1.14 -20.22 9.48
C MET A 263 2.29 -21.18 9.83
N MET A 264 3.47 -20.91 9.29
CA MET A 264 4.66 -21.69 9.62
C MET A 264 5.06 -21.38 11.06
N PRO A 265 5.68 -22.35 11.77
CA PRO A 265 5.79 -22.23 13.22
C PRO A 265 7.06 -21.61 13.78
N PHE A 266 8.11 -21.51 12.96
CA PHE A 266 9.43 -21.25 13.46
C PHE A 266 9.98 -19.87 13.04
N TYR A 267 11.24 -19.61 13.39
CA TYR A 267 11.80 -18.27 13.28
C TYR A 267 12.06 -17.82 11.83
N SER A 268 12.32 -18.76 10.93
CA SER A 268 12.71 -18.45 9.57
C SER A 268 12.12 -19.47 8.61
N TYR A 269 12.10 -19.12 7.32
CA TYR A 269 11.79 -20.07 6.25
C TYR A 269 13.03 -20.85 5.75
N ASP A 270 14.21 -20.56 6.31
CA ASP A 270 15.41 -21.27 5.85
C ASP A 270 15.40 -22.74 6.28
N ILE A 271 16.35 -23.51 5.76
CA ILE A 271 16.32 -24.96 5.99
C ILE A 271 16.49 -25.28 7.50
N PRO A 272 17.45 -24.61 8.19
CA PRO A 272 17.55 -24.86 9.64
C PRO A 272 16.24 -24.66 10.43
N HIS A 273 15.33 -23.82 9.94
CA HIS A 273 14.10 -23.53 10.68
C HIS A 273 12.84 -24.08 10.02
N THR A 274 13.02 -25.08 9.14
CA THR A 274 11.86 -25.69 8.49
C THR A 274 11.74 -27.21 8.58
N CYS A 275 12.78 -27.91 9.06
CA CYS A 275 12.64 -29.37 9.16
C CYS A 275 11.96 -29.79 10.46
N GLY A 276 12.00 -28.93 11.47
CA GLY A 276 11.62 -29.27 12.84
C GLY A 276 12.14 -28.21 13.78
N PRO A 277 11.91 -28.41 15.09
CA PRO A 277 12.22 -27.40 16.10
C PRO A 277 13.69 -27.15 16.42
N ASP A 278 14.59 -28.06 16.05
CA ASP A 278 16.00 -27.92 16.42
C ASP A 278 16.88 -27.55 15.22
N PRO A 279 17.25 -26.27 15.11
CA PRO A 279 18.02 -25.88 13.93
C PRO A 279 19.42 -26.50 13.85
N LYS A 280 19.98 -26.91 14.98
CA LYS A 280 21.28 -27.61 14.96
C LYS A 280 21.18 -28.92 14.20
N VAL A 281 20.02 -29.59 14.30
CA VAL A 281 19.75 -30.80 13.54
C VAL A 281 19.36 -30.48 12.10
N CYS A 282 18.38 -29.57 11.92
CA CYS A 282 17.90 -29.29 10.56
C CYS A 282 19.01 -28.74 9.64
N CYS A 283 19.95 -27.98 10.21
CA CYS A 283 21.02 -27.43 9.39
C CYS A 283 21.84 -28.53 8.71
N GLN A 284 21.90 -29.71 9.35
CA GLN A 284 22.63 -30.86 8.78
C GLN A 284 21.94 -31.48 7.58
N PHE A 285 20.74 -30.98 7.28
CA PHE A 285 19.96 -31.46 6.14
C PHE A 285 19.83 -30.37 5.07
N ASP A 286 20.69 -29.36 5.19
CA ASP A 286 20.88 -28.38 4.12
C ASP A 286 22.18 -28.75 3.42
N PHE A 287 22.10 -29.51 2.34
CA PHE A 287 23.31 -30.10 1.80
C PHE A 287 24.21 -29.13 1.04
N LYS A 288 23.77 -27.86 0.93
CA LYS A 288 24.62 -26.79 0.40
C LYS A 288 25.64 -26.29 1.46
N ARG A 289 25.58 -26.78 2.70
CA ARG A 289 26.40 -26.23 3.76
C ARG A 289 27.64 -27.07 4.16
N MET A 290 28.17 -27.86 3.25
CA MET A 290 29.34 -28.67 3.62
C MET A 290 30.72 -28.02 3.42
N GLY A 291 30.78 -26.89 2.72
CA GLY A 291 32.00 -26.08 2.62
C GLY A 291 32.28 -25.44 1.27
N SER A 292 32.16 -26.22 0.20
CA SER A 292 32.56 -25.83 -1.15
C SER A 292 31.73 -24.68 -1.74
N PHE A 293 30.52 -24.50 -1.19
CA PHE A 293 29.63 -23.41 -1.57
C PHE A 293 29.82 -22.17 -0.71
N GLY A 294 30.78 -22.20 0.21
CA GLY A 294 31.03 -21.05 1.07
C GLY A 294 29.98 -20.84 2.16
N LEU A 295 29.24 -21.89 2.50
CA LEU A 295 28.23 -21.83 3.55
C LEU A 295 28.56 -22.86 4.62
N SER A 296 28.06 -22.63 5.82
CA SER A 296 28.31 -23.52 6.95
C SER A 296 27.14 -23.44 7.91
N CYS A 297 27.16 -24.31 8.92
CA CYS A 297 26.13 -24.34 9.96
C CYS A 297 26.62 -23.61 11.22
N PRO A 298 25.98 -22.49 11.61
CA PRO A 298 26.46 -21.78 12.81
C PRO A 298 26.33 -22.55 14.13
N TRP A 299 25.53 -23.62 14.12
CA TRP A 299 25.39 -24.52 15.29
C TRP A 299 26.53 -25.54 15.37
N LYS A 300 27.45 -25.47 14.41
CA LYS A 300 28.77 -26.13 14.48
C LYS A 300 28.76 -27.63 14.18
N VAL A 301 27.64 -28.15 13.67
CA VAL A 301 27.61 -29.52 13.16
C VAL A 301 27.25 -29.45 11.69
N PRO A 302 28.17 -29.87 10.80
CA PRO A 302 27.93 -29.77 9.37
C PRO A 302 27.01 -30.88 8.83
N PRO A 303 26.45 -30.67 7.63
CA PRO A 303 25.79 -31.77 6.95
C PRO A 303 26.84 -32.81 6.59
N ARG A 304 26.41 -34.06 6.49
CA ARG A 304 27.24 -35.12 5.93
C ARG A 304 26.49 -35.82 4.82
N THR A 305 27.19 -36.15 3.75
CA THR A 305 26.63 -36.88 2.62
C THR A 305 25.95 -38.16 3.10
N ILE A 306 24.74 -38.41 2.61
CA ILE A 306 24.01 -39.61 3.00
C ILE A 306 24.59 -40.81 2.26
N SER A 307 24.80 -41.90 3.02
CA SER A 307 25.40 -43.13 2.50
C SER A 307 24.64 -44.30 3.08
N ASP A 308 24.91 -45.50 2.56
CA ASP A 308 24.32 -46.69 3.16
C ASP A 308 24.69 -46.88 4.64
N GLN A 309 25.88 -46.43 5.07
CA GLN A 309 26.36 -46.62 6.47
C GLN A 309 25.83 -45.61 7.46
N ASN A 310 25.31 -44.50 6.95
CA ASN A 310 24.77 -43.54 7.86
C ASN A 310 23.27 -43.30 7.66
N VAL A 311 22.66 -43.87 6.63
CA VAL A 311 21.27 -43.43 6.28
C VAL A 311 20.29 -43.76 7.40
N ALA A 312 20.46 -44.92 8.07
CA ALA A 312 19.52 -45.27 9.16
C ALA A 312 19.60 -44.25 10.28
N ALA A 313 20.81 -43.87 10.68
CA ALA A 313 21.02 -42.91 11.75
C ALA A 313 20.52 -41.51 11.35
N ARG A 314 20.86 -41.10 10.14
CA ARG A 314 20.46 -39.77 9.63
C ARG A 314 18.94 -39.70 9.54
N SER A 315 18.32 -40.77 9.04
CA SER A 315 16.85 -40.87 8.98
C SER A 315 16.18 -40.82 10.34
N ASP A 316 16.76 -41.46 11.34
N ASP A 316 16.78 -41.52 11.31
CA ASP A 316 16.18 -41.41 12.67
CA ASP A 316 16.39 -41.44 12.73
C ASP A 316 16.19 -39.98 13.27
C ASP A 316 16.15 -39.99 13.08
N LEU A 317 17.24 -39.22 12.99
CA LEU A 317 17.29 -37.83 13.43
C LEU A 317 16.29 -36.95 12.70
N LEU A 318 16.21 -37.15 11.39
CA LEU A 318 15.31 -36.33 10.57
C LEU A 318 13.83 -36.63 10.82
N VAL A 319 13.48 -37.91 10.86
CA VAL A 319 12.08 -38.28 11.10
C VAL A 319 11.63 -37.78 12.48
N ASP A 320 12.54 -37.80 13.46
CA ASP A 320 12.24 -37.29 14.79
C ASP A 320 11.91 -35.78 14.75
N GLN A 321 12.69 -35.01 13.99
CA GLN A 321 12.34 -33.60 13.78
C GLN A 321 10.97 -33.43 13.12
N TRP A 322 10.71 -34.21 12.07
CA TRP A 322 9.43 -34.14 11.38
C TRP A 322 8.27 -34.45 12.32
N LYS A 323 8.42 -35.49 13.12
CA LYS A 323 7.32 -35.89 14.02
C LYS A 323 7.09 -34.85 15.11
N LYS A 324 8.15 -34.18 15.55
CA LYS A 324 7.97 -33.04 16.47
C LYS A 324 7.22 -31.89 15.80
N LYS A 325 7.62 -31.52 14.58
CA LYS A 325 6.91 -30.47 13.86
C LYS A 325 5.43 -30.86 13.70
N ALA A 326 5.18 -32.13 13.39
CA ALA A 326 3.81 -32.58 13.13
C ALA A 326 2.92 -32.45 14.37
N GLU A 327 3.52 -32.43 15.55
CA GLU A 327 2.75 -32.24 16.78
C GLU A 327 2.05 -30.91 16.85
N LEU A 328 2.55 -29.95 16.08
CA LEU A 328 2.00 -28.59 16.12
C LEU A 328 0.77 -28.41 15.24
N TYR A 329 0.40 -29.45 14.48
CA TYR A 329 -0.67 -29.35 13.48
C TYR A 329 -1.65 -30.52 13.63
N ARG A 330 -2.79 -30.42 12.96
CA ARG A 330 -3.90 -31.32 13.25
C ARG A 330 -4.07 -32.51 12.32
N THR A 331 -3.45 -32.50 11.14
CA THR A 331 -3.60 -33.64 10.23
C THR A 331 -2.34 -34.48 10.21
N ASN A 332 -2.39 -35.58 9.45
CA ASN A 332 -1.22 -36.43 9.26
C ASN A 332 -0.46 -36.10 7.97
N VAL A 333 -0.59 -34.85 7.51
CA VAL A 333 0.10 -34.39 6.30
C VAL A 333 0.99 -33.23 6.74
N LEU A 334 2.30 -33.31 6.45
CA LEU A 334 3.28 -32.36 6.98
C LEU A 334 3.99 -31.60 5.88
N LEU A 335 4.07 -30.28 6.02
CA LEU A 335 4.75 -29.40 5.04
C LEU A 335 6.18 -29.15 5.49
N ILE A 336 7.15 -29.50 4.64
CA ILE A 336 8.56 -29.22 4.90
C ILE A 336 9.15 -28.40 3.73
N PRO A 337 9.13 -27.06 3.84
CA PRO A 337 9.81 -26.27 2.81
C PRO A 337 11.29 -26.61 2.79
N LEU A 338 11.89 -26.54 1.61
CA LEU A 338 13.32 -26.80 1.45
C LEU A 338 13.92 -25.70 0.55
N GLY A 339 14.42 -24.62 1.16
CA GLY A 339 14.92 -23.51 0.36
C GLY A 339 15.39 -22.36 1.22
N ASP A 340 15.81 -21.28 0.53
CA ASP A 340 16.38 -20.10 1.17
C ASP A 340 16.56 -19.07 0.05
N ASP A 341 17.19 -17.95 0.39
CA ASP A 341 17.32 -16.82 -0.56
C ASP A 341 18.15 -17.23 -1.75
N PHE A 342 17.61 -17.00 -2.95
CA PHE A 342 18.32 -17.24 -4.20
C PHE A 342 19.01 -18.61 -4.24
N ARG A 343 18.32 -19.62 -3.71
CA ARG A 343 18.81 -20.99 -3.79
C ARG A 343 18.54 -21.65 -5.13
N PHE A 344 19.16 -22.81 -5.30
CA PHE A 344 19.02 -23.63 -6.50
C PHE A 344 19.58 -22.95 -7.74
N LYS A 345 20.75 -22.34 -7.56
CA LYS A 345 21.43 -21.58 -8.62
C LYS A 345 22.38 -22.36 -9.50
N GLN A 346 23.14 -23.25 -8.86
CA GLN A 346 24.12 -24.06 -9.55
C GLN A 346 23.67 -25.50 -9.71
N ASN A 347 24.08 -26.09 -10.82
CA ASN A 347 23.82 -27.50 -11.07
C ASN A 347 24.24 -28.42 -9.94
N THR A 348 25.42 -28.17 -9.39
CA THR A 348 25.95 -28.95 -8.28
C THR A 348 25.06 -28.85 -7.04
N GLU A 349 24.41 -27.71 -6.86
CA GLU A 349 23.48 -27.55 -5.74
C GLU A 349 22.19 -28.35 -5.92
N TRP A 350 21.62 -28.30 -7.12
CA TRP A 350 20.48 -29.14 -7.42
C TRP A 350 20.81 -30.61 -7.11
N ASP A 351 21.96 -31.07 -7.58
CA ASP A 351 22.37 -32.46 -7.37
C ASP A 351 22.53 -32.80 -5.90
N VAL A 352 23.22 -31.95 -5.15
CA VAL A 352 23.55 -32.27 -3.76
C VAL A 352 22.27 -32.34 -2.90
N GLN A 353 21.32 -31.43 -3.14
CA GLN A 353 20.06 -31.52 -2.40
C GLN A 353 19.25 -32.72 -2.86
N ARG A 354 19.06 -32.87 -4.17
CA ARG A 354 18.21 -33.94 -4.68
C ARG A 354 18.71 -35.34 -4.31
N VAL A 355 19.97 -35.63 -4.58
CA VAL A 355 20.48 -36.99 -4.38
C VAL A 355 20.43 -37.39 -2.90
N ASN A 356 20.81 -36.48 -2.01
CA ASN A 356 20.79 -36.79 -0.59
C ASN A 356 19.36 -37.01 -0.05
N TYR A 357 18.41 -36.16 -0.48
CA TYR A 357 17.02 -36.38 -0.08
C TYR A 357 16.44 -37.64 -0.70
N GLU A 358 16.78 -37.95 -1.95
CA GLU A 358 16.30 -39.21 -2.53
C GLU A 358 16.75 -40.43 -1.70
N ARG A 359 17.99 -40.42 -1.23
CA ARG A 359 18.49 -41.53 -0.40
C ARG A 359 17.71 -41.63 0.92
N LEU A 360 17.46 -40.48 1.55
CA LEU A 360 16.65 -40.45 2.75
C LEU A 360 15.24 -40.98 2.50
N PHE A 361 14.59 -40.52 1.44
CA PHE A 361 13.23 -40.99 1.13
C PHE A 361 13.18 -42.51 0.87
N GLU A 362 14.15 -43.03 0.11
CA GLU A 362 14.13 -44.45 -0.18
C GLU A 362 14.24 -45.28 1.11
N HIS A 363 15.12 -44.87 2.01
CA HIS A 363 15.26 -45.55 3.28
C HIS A 363 14.01 -45.42 4.16
N ILE A 364 13.58 -44.19 4.40
CA ILE A 364 12.47 -43.94 5.30
C ILE A 364 11.21 -44.64 4.82
N ASN A 365 10.93 -44.55 3.53
CA ASN A 365 9.67 -45.07 2.99
C ASN A 365 9.63 -46.61 2.98
N SER A 366 10.80 -47.23 2.99
CA SER A 366 10.92 -48.70 2.94
C SER A 366 10.97 -49.32 4.34
N GLN A 367 11.18 -48.50 5.36
CA GLN A 367 11.27 -48.97 6.74
C GLN A 367 9.95 -48.75 7.46
N ALA A 368 9.14 -49.80 7.59
CA ALA A 368 7.81 -49.67 8.18
C ALA A 368 7.79 -49.03 9.56
N HIS A 369 8.83 -49.26 10.36
CA HIS A 369 8.87 -48.76 11.73
C HIS A 369 8.72 -47.23 11.86
N PHE A 370 9.09 -46.49 10.80
CA PHE A 370 8.92 -45.03 10.82
C PHE A 370 7.47 -44.62 10.62
N ASN A 371 6.74 -45.43 9.86
CA ASN A 371 5.36 -45.11 9.49
C ASN A 371 5.24 -43.74 8.83
N VAL A 372 6.15 -43.48 7.89
CA VAL A 372 6.23 -42.23 7.15
C VAL A 372 6.26 -42.52 5.66
N GLN A 373 5.57 -41.69 4.87
CA GLN A 373 5.77 -41.68 3.42
C GLN A 373 6.19 -40.25 3.06
N ALA A 374 7.44 -40.09 2.61
CA ALA A 374 8.01 -38.78 2.33
C ALA A 374 8.34 -38.63 0.84
N GLN A 375 8.13 -37.43 0.29
CA GLN A 375 8.39 -37.19 -1.12
C GLN A 375 8.58 -35.72 -1.37
N PHE A 376 9.22 -35.38 -2.48
CA PHE A 376 9.16 -34.01 -2.98
C PHE A 376 7.74 -33.70 -3.38
N GLY A 377 7.32 -32.48 -3.09
CA GLY A 377 5.98 -32.07 -3.46
C GLY A 377 5.90 -30.59 -3.72
N THR A 378 4.71 -30.17 -4.13
CA THR A 378 4.44 -28.74 -4.31
C THR A 378 3.50 -28.24 -3.19
N LEU A 379 3.31 -26.92 -3.15
CA LEU A 379 2.43 -26.33 -2.15
C LEU A 379 0.97 -26.79 -2.32
N GLN A 380 0.48 -26.80 -3.56
CA GLN A 380 -0.88 -27.25 -3.78
C GLN A 380 -1.07 -28.71 -3.38
N GLU A 381 -0.06 -29.55 -3.60
CA GLU A 381 -0.17 -30.95 -3.23
C GLU A 381 -0.35 -31.06 -1.71
N TYR A 382 0.41 -30.27 -0.95
CA TYR A 382 0.25 -30.22 0.50
C TYR A 382 -1.20 -29.86 0.88
N PHE A 383 -1.70 -28.75 0.36
CA PHE A 383 -3.01 -28.32 0.77
C PHE A 383 -4.09 -29.32 0.34
N ASP A 384 -3.97 -29.88 -0.86
CA ASP A 384 -4.95 -30.89 -1.30
C ASP A 384 -5.02 -32.05 -0.32
N ALA A 385 -3.86 -32.51 0.13
CA ALA A 385 -3.80 -33.64 1.05
C ALA A 385 -4.36 -33.26 2.43
N VAL A 386 -4.09 -32.03 2.88
CA VAL A 386 -4.67 -31.57 4.16
C VAL A 386 -6.19 -31.59 4.10
N HIS A 387 -6.75 -31.06 3.01
CA HIS A 387 -8.21 -31.03 2.91
C HIS A 387 -8.84 -32.41 2.70
N GLN A 388 -8.12 -33.33 2.05
CA GLN A 388 -8.56 -34.72 2.00
C GLN A 388 -8.66 -35.30 3.41
N ALA A 389 -7.66 -35.01 4.26
CA ALA A 389 -7.66 -35.47 5.65
C ALA A 389 -8.84 -34.86 6.42
N GLU A 390 -9.07 -33.57 6.21
CA GLU A 390 -10.21 -32.85 6.81
C GLU A 390 -11.54 -33.50 6.44
N ARG A 391 -11.74 -33.77 5.15
CA ARG A 391 -12.98 -34.38 4.68
C ARG A 391 -13.15 -35.83 5.20
N ALA A 392 -12.04 -36.50 5.46
CA ALA A 392 -12.07 -37.84 6.05
C ALA A 392 -12.42 -37.79 7.56
N GLY A 393 -12.58 -36.58 8.07
CA GLY A 393 -13.00 -36.36 9.45
C GLY A 393 -11.87 -36.42 10.43
N GLN A 394 -10.65 -36.29 9.94
CA GLN A 394 -9.53 -36.46 10.86
C GLN A 394 -9.15 -35.16 11.56
N ALA A 395 -9.68 -34.03 11.08
CA ALA A 395 -9.41 -32.72 11.67
C ALA A 395 -10.52 -31.70 11.40
N GLU A 396 -10.73 -30.76 12.34
CA GLU A 396 -11.54 -29.59 12.12
CA GLU A 396 -11.58 -29.59 12.11
C GLU A 396 -10.66 -28.41 12.42
N PHE A 397 -10.84 -27.30 11.70
CA PHE A 397 -9.95 -26.16 11.82
C PHE A 397 -10.64 -24.99 12.51
N PRO A 398 -9.88 -24.27 13.34
CA PRO A 398 -10.44 -23.09 14.01
C PRO A 398 -10.64 -21.92 13.06
N THR A 399 -11.53 -21.03 13.45
CA THR A 399 -11.75 -19.78 12.74
C THR A 399 -10.94 -18.66 13.41
N LEU A 400 -10.49 -17.69 12.61
CA LEU A 400 -9.65 -16.61 13.12
C LEU A 400 -10.00 -15.32 12.40
N SER A 401 -10.00 -14.21 13.14
CA SER A 401 -9.97 -12.88 12.53
C SER A 401 -8.93 -12.01 13.22
N GLY A 402 -8.53 -10.95 12.52
CA GLY A 402 -7.51 -10.01 13.02
C GLY A 402 -6.34 -9.91 12.06
N ASP A 403 -5.28 -9.25 12.50
CA ASP A 403 -4.07 -9.10 11.72
C ASP A 403 -2.87 -9.61 12.51
N PHE A 404 -1.70 -9.51 11.87
CA PHE A 404 -0.41 -9.96 12.44
C PHE A 404 0.62 -8.84 12.40
N PHE A 405 0.22 -7.67 12.88
CA PHE A 405 1.12 -6.55 13.15
C PHE A 405 1.03 -6.20 14.63
N THR A 406 2.08 -5.64 15.25
CA THR A 406 3.41 -5.44 14.69
C THR A 406 4.33 -6.62 14.97
N TYR A 407 4.99 -7.09 13.91
CA TYR A 407 5.87 -8.23 13.99
C TYR A 407 7.10 -7.96 14.84
N ALA A 408 7.52 -8.96 15.62
CA ALA A 408 8.85 -9.01 16.20
C ALA A 408 9.39 -10.41 15.95
N ASP A 409 10.63 -10.49 15.45
CA ASP A 409 11.27 -11.79 15.21
C ASP A 409 12.01 -12.32 16.44
N ARG A 410 12.36 -11.43 17.38
CA ARG A 410 13.06 -11.82 18.62
C ARG A 410 13.05 -10.65 19.59
N SER A 411 13.19 -10.99 20.88
N SER A 411 13.12 -10.97 20.89
CA SER A 411 13.29 -10.03 22.00
CA SER A 411 13.40 -9.96 21.90
C SER A 411 12.38 -8.82 21.83
N ASP A 412 12.91 -7.60 21.88
CA ASP A 412 12.08 -6.40 21.76
C ASP A 412 12.24 -5.76 20.37
N ASN A 413 12.72 -6.56 19.41
CA ASN A 413 13.00 -6.07 18.06
C ASN A 413 11.71 -6.10 17.23
N TYR A 414 10.91 -5.05 17.40
CA TYR A 414 9.65 -4.86 16.65
C TYR A 414 9.91 -4.08 15.37
N TRP A 415 9.30 -4.57 14.29
CA TRP A 415 9.61 -4.06 12.96
C TRP A 415 8.63 -2.94 12.60
N SER A 416 8.60 -1.88 13.40
CA SER A 416 7.75 -0.75 13.09
C SER A 416 8.49 0.40 12.39
N GLY A 417 9.82 0.28 12.25
CA GLY A 417 10.58 1.32 11.54
C GLY A 417 10.19 1.43 10.08
N TYR A 418 9.98 0.28 9.43
CA TYR A 418 9.74 0.29 7.99
C TYR A 418 8.35 0.82 7.63
N TYR A 419 7.50 1.12 8.63
CA TYR A 419 6.26 1.82 8.35
C TYR A 419 6.53 3.26 7.88
N THR A 420 7.76 3.74 8.08
CA THR A 420 8.15 5.11 7.76
C THR A 420 9.36 5.21 6.83
N SER A 421 10.26 4.24 6.85
CA SER A 421 11.52 4.37 6.15
C SER A 421 11.35 4.78 4.69
N ARG A 422 12.22 5.68 4.23
CA ARG A 422 12.16 6.18 2.84
C ARG A 422 10.76 6.73 2.51
N PRO A 423 10.33 7.74 3.27
CA PRO A 423 8.97 8.24 3.08
C PRO A 423 8.73 8.97 1.76
N TYR A 424 9.78 9.47 1.11
CA TYR A 424 9.58 10.08 -0.20
C TYR A 424 8.94 9.08 -1.15
N HIS A 425 9.45 7.84 -1.14
CA HIS A 425 8.97 6.81 -2.08
C HIS A 425 7.64 6.21 -1.66
N LYS A 426 7.38 6.20 -0.35
CA LYS A 426 6.06 5.87 0.16
C LYS A 426 5.00 6.84 -0.38
N ARG A 427 5.31 8.14 -0.37
CA ARG A 427 4.39 9.12 -0.94
C ARG A 427 4.27 8.94 -2.46
N MET A 428 5.40 8.71 -3.13
CA MET A 428 5.39 8.49 -4.58
C MET A 428 4.49 7.33 -4.97
N ASP A 429 4.50 6.26 -4.17
CA ASP A 429 3.62 5.11 -4.39
C ASP A 429 2.16 5.54 -4.54
N ARG A 430 1.69 6.42 -3.65
CA ARG A 430 0.28 6.82 -3.68
C ARG A 430 -0.01 7.72 -4.87
N VAL A 431 0.96 8.54 -5.26
CA VAL A 431 0.78 9.40 -6.43
C VAL A 431 0.66 8.51 -7.68
N LEU A 432 1.60 7.59 -7.85
CA LEU A 432 1.56 6.70 -9.01
C LEU A 432 0.32 5.79 -8.99
N MET A 433 -0.11 5.36 -7.79
CA MET A 433 -1.34 4.59 -7.68
C MET A 433 -2.49 5.29 -8.42
N HIS A 434 -2.64 6.57 -8.12
CA HIS A 434 -3.73 7.36 -8.68
C HIS A 434 -3.53 7.61 -10.18
N TYR A 435 -2.29 7.92 -10.59
CA TYR A 435 -2.01 8.16 -12.01
C TYR A 435 -2.27 6.91 -12.85
N VAL A 436 -1.95 5.72 -12.32
CA VAL A 436 -2.26 4.49 -13.07
C VAL A 436 -3.78 4.36 -13.21
N ARG A 437 -4.52 4.56 -12.12
CA ARG A 437 -5.98 4.47 -12.19
C ARG A 437 -6.51 5.46 -13.24
N ALA A 438 -6.06 6.72 -13.16
CA ALA A 438 -6.59 7.74 -14.06
C ALA A 438 -6.25 7.48 -15.52
N ALA A 439 -5.02 7.00 -15.78
CA ALA A 439 -4.61 6.69 -17.13
C ALA A 439 -5.39 5.52 -17.72
N GLU A 440 -5.58 4.48 -16.92
CA GLU A 440 -6.34 3.31 -17.39
C GLU A 440 -7.79 3.71 -17.63
N MET A 441 -8.38 4.52 -16.74
CA MET A 441 -9.78 4.91 -16.88
C MET A 441 -9.97 5.84 -18.10
N LEU A 442 -9.16 6.90 -18.17
CA LEU A 442 -9.33 7.87 -19.26
C LEU A 442 -9.19 7.23 -20.63
N SER A 443 -8.26 6.28 -20.77
CA SER A 443 -8.01 5.66 -22.06
C SER A 443 -8.96 4.52 -22.34
N ALA A 444 -9.67 4.02 -21.34
CA ALA A 444 -10.60 2.89 -21.52
C ALA A 444 -11.80 3.24 -22.38
N TRP A 445 -12.16 4.53 -22.41
CA TRP A 445 -13.39 4.97 -23.11
C TRP A 445 -13.36 4.67 -24.61
N HIS A 446 -12.15 4.63 -25.19
CA HIS A 446 -11.98 4.37 -26.61
C HIS A 446 -11.11 3.16 -26.83
N SER A 447 -11.23 2.60 -28.04
CA SER A 447 -10.25 1.68 -28.58
C SER A 447 -9.18 2.52 -29.27
N TRP A 448 -7.92 2.14 -29.13
CA TRP A 448 -6.81 2.89 -29.71
C TRP A 448 -6.02 2.08 -30.72
N ASP A 449 -5.64 2.74 -31.82
CA ASP A 449 -4.72 2.16 -32.79
C ASP A 449 -3.42 1.77 -32.11
N GLY A 450 -2.81 0.66 -32.53
CA GLY A 450 -1.53 0.24 -31.95
C GLY A 450 -0.44 1.30 -32.03
N MET A 451 -0.52 2.15 -33.06
CA MET A 451 0.48 3.20 -33.22
C MET A 451 0.43 4.23 -32.11
N ALA A 452 -0.67 4.28 -31.37
CA ALA A 452 -0.79 5.21 -30.26
C ALA A 452 0.00 4.77 -29.03
N ARG A 453 0.42 3.49 -29.00
CA ARG A 453 1.27 2.98 -27.90
C ARG A 453 0.61 3.09 -26.53
N ILE A 454 -0.72 3.05 -26.51
CA ILE A 454 -1.45 3.17 -25.25
C ILE A 454 -1.21 1.92 -24.38
N GLU A 455 -1.44 0.73 -24.94
CA GLU A 455 -1.28 -0.50 -24.17
C GLU A 455 0.16 -0.65 -23.68
N GLU A 456 1.10 -0.25 -24.53
CA GLU A 456 2.52 -0.29 -24.18
C GLU A 456 2.84 0.56 -22.95
N ARG A 457 2.41 1.82 -22.98
CA ARG A 457 2.70 2.72 -21.87
C ARG A 457 1.97 2.30 -20.60
N LEU A 458 0.74 1.81 -20.71
CA LEU A 458 0.01 1.34 -19.52
C LEU A 458 0.64 0.10 -18.91
N GLU A 459 1.10 -0.84 -19.76
CA GLU A 459 1.77 -2.03 -19.23
C GLU A 459 3.04 -1.63 -18.48
N GLN A 460 3.82 -0.71 -19.06
CA GLN A 460 5.02 -0.22 -18.38
C GLN A 460 4.65 0.36 -17.00
N ALA A 461 3.63 1.23 -16.99
CA ALA A 461 3.25 1.89 -15.73
C ALA A 461 2.79 0.86 -14.69
N ARG A 462 1.93 -0.07 -15.11
CA ARG A 462 1.43 -1.09 -14.17
C ARG A 462 2.59 -1.90 -13.61
N ARG A 463 3.56 -2.24 -14.46
CA ARG A 463 4.63 -3.14 -14.01
C ARG A 463 5.60 -2.44 -13.07
N GLU A 464 5.91 -1.16 -13.31
CA GLU A 464 6.82 -0.47 -12.39
C GLU A 464 6.16 -0.22 -11.05
N LEU A 465 4.88 0.13 -11.05
CA LEU A 465 4.18 0.30 -9.77
C LEU A 465 4.07 -1.04 -9.04
N SER A 466 3.74 -2.10 -9.80
CA SER A 466 3.66 -3.43 -9.23
C SER A 466 4.99 -3.89 -8.62
N LEU A 467 6.10 -3.62 -9.30
CA LEU A 467 7.41 -4.00 -8.79
C LEU A 467 7.65 -3.36 -7.42
N PHE A 468 7.25 -2.10 -7.27
CA PHE A 468 7.52 -1.36 -6.05
C PHE A 468 6.72 -1.89 -4.86
N GLN A 469 5.69 -2.69 -5.11
CA GLN A 469 4.96 -3.32 -4.01
C GLN A 469 5.78 -4.37 -3.28
N HIS A 470 6.91 -4.79 -3.86
CA HIS A 470 7.78 -5.76 -3.22
C HIS A 470 8.09 -5.37 -1.77
N HIS A 471 8.32 -6.38 -0.94
CA HIS A 471 8.59 -6.18 0.47
C HIS A 471 9.98 -5.57 0.78
N ASP A 472 10.77 -5.21 -0.25
CA ASP A 472 11.92 -4.31 -0.07
C ASP A 472 11.78 -3.02 -0.87
N GLY A 473 10.61 -2.78 -1.48
CA GLY A 473 10.39 -1.58 -2.28
C GLY A 473 9.73 -0.52 -1.41
N ILE A 474 8.39 -0.55 -1.38
CA ILE A 474 7.62 0.43 -0.61
C ILE A 474 8.02 0.47 0.87
N THR A 475 8.52 -0.65 1.39
CA THR A 475 8.99 -0.73 2.76
C THR A 475 10.18 0.18 3.09
N GLY A 476 10.91 0.64 2.08
CA GLY A 476 12.09 1.44 2.38
C GLY A 476 13.24 0.66 2.99
N THR A 477 13.36 -0.63 2.62
CA THR A 477 14.38 -1.49 3.18
C THR A 477 15.41 -1.97 2.15
N ALA A 478 15.58 -1.25 1.05
CA ALA A 478 16.59 -1.61 0.05
C ALA A 478 17.84 -0.73 0.14
N LYS A 479 18.95 -1.18 -0.45
CA LYS A 479 20.14 -0.34 -0.49
C LYS A 479 19.87 0.94 -1.29
N THR A 480 20.66 1.98 -1.02
CA THR A 480 20.47 3.28 -1.64
C THR A 480 20.34 3.19 -3.17
N HIS A 481 21.23 2.46 -3.84
CA HIS A 481 21.18 2.41 -5.30
C HIS A 481 19.96 1.68 -5.83
N VAL A 482 19.41 0.79 -5.01
CA VAL A 482 18.21 0.06 -5.38
C VAL A 482 16.98 0.97 -5.23
N VAL A 483 16.94 1.76 -4.15
CA VAL A 483 15.91 2.78 -4.00
C VAL A 483 15.93 3.71 -5.23
N VAL A 484 17.12 4.11 -5.67
CA VAL A 484 17.21 4.98 -6.85
C VAL A 484 16.64 4.31 -8.09
N ASP A 485 16.91 3.02 -8.25
CA ASP A 485 16.33 2.25 -9.36
C ASP A 485 14.81 2.23 -9.30
N TYR A 486 14.24 1.96 -8.13
CA TYR A 486 12.77 1.97 -8.01
C TYR A 486 12.22 3.35 -8.35
N GLU A 487 12.90 4.41 -7.88
CA GLU A 487 12.45 5.77 -8.14
C GLU A 487 12.46 6.08 -9.63
N GLN A 488 13.54 5.71 -10.31
CA GLN A 488 13.66 5.96 -11.76
C GLN A 488 12.57 5.23 -12.51
N ARG A 489 12.31 3.99 -12.11
CA ARG A 489 11.25 3.21 -12.73
C ARG A 489 9.88 3.88 -12.53
N MET A 490 9.63 4.34 -11.30
CA MET A 490 8.37 5.03 -11.03
C MET A 490 8.23 6.36 -11.77
N GLN A 491 9.37 7.05 -11.95
CA GLN A 491 9.32 8.29 -12.73
C GLN A 491 8.94 8.03 -14.18
N GLU A 492 9.50 6.97 -14.74
CA GLU A 492 9.14 6.59 -16.10
C GLU A 492 7.68 6.23 -16.18
N ALA A 493 7.19 5.52 -15.16
CA ALA A 493 5.78 5.15 -15.10
C ALA A 493 4.87 6.39 -15.03
N LEU A 494 5.25 7.38 -14.24
CA LEU A 494 4.47 8.62 -14.15
C LEU A 494 4.40 9.30 -15.50
N LYS A 495 5.53 9.34 -16.22
CA LYS A 495 5.55 9.97 -17.55
C LYS A 495 4.67 9.19 -18.54
N ALA A 496 4.68 7.86 -18.44
CA ALA A 496 3.84 7.02 -19.29
C ALA A 496 2.35 7.34 -19.01
N CYS A 497 1.99 7.43 -17.72
CA CYS A 497 0.60 7.77 -17.35
C CYS A 497 0.22 9.15 -17.90
N GLN A 498 1.09 10.14 -17.75
CA GLN A 498 0.80 11.48 -18.24
CA GLN A 498 0.79 11.47 -18.24
C GLN A 498 0.52 11.45 -19.73
N MET A 499 1.36 10.74 -20.49
CA MET A 499 1.19 10.67 -21.94
C MET A 499 -0.18 10.09 -22.30
N VAL A 500 -0.55 8.98 -21.66
CA VAL A 500 -1.82 8.34 -21.95
C VAL A 500 -2.99 9.24 -21.55
N MET A 501 -2.91 9.82 -20.35
CA MET A 501 -3.97 10.71 -19.86
C MET A 501 -4.21 11.87 -20.82
N GLN A 502 -3.13 12.55 -21.25
CA GLN A 502 -3.33 13.77 -22.05
C GLN A 502 -3.80 13.45 -23.47
N GLN A 503 -3.33 12.34 -24.05
CA GLN A 503 -3.87 11.90 -25.35
C GLN A 503 -5.36 11.62 -25.21
N SER A 504 -5.75 10.99 -24.11
CA SER A 504 -7.14 10.65 -23.89
C SER A 504 -8.02 11.90 -23.72
N VAL A 505 -7.56 12.87 -22.95
CA VAL A 505 -8.30 14.11 -22.79
C VAL A 505 -8.53 14.80 -24.14
N TYR A 506 -7.47 14.88 -24.95
CA TYR A 506 -7.59 15.54 -26.21
CA TYR A 506 -7.55 15.51 -26.27
C TYR A 506 -8.65 14.82 -27.09
N ARG A 507 -8.67 13.49 -27.06
CA ARG A 507 -9.66 12.75 -27.86
C ARG A 507 -11.08 12.91 -27.31
N LEU A 508 -11.22 12.95 -26.00
CA LEU A 508 -12.53 13.00 -25.37
C LEU A 508 -13.19 14.36 -25.51
N LEU A 509 -12.39 15.42 -25.70
CA LEU A 509 -12.92 16.79 -25.69
C LEU A 509 -12.69 17.54 -27.00
N THR A 510 -12.41 16.84 -28.10
CA THR A 510 -12.29 17.51 -29.40
C THR A 510 -13.36 16.99 -30.34
N LYS A 511 -13.98 17.93 -31.05
CA LYS A 511 -14.99 17.59 -32.05
C LYS A 511 -14.45 16.49 -32.93
N PRO A 512 -15.18 15.38 -33.04
CA PRO A 512 -14.67 14.22 -33.74
C PRO A 512 -14.14 14.45 -35.17
N SER A 513 -14.82 15.27 -35.96
CA SER A 513 -14.38 15.50 -37.35
C SER A 513 -13.19 16.45 -37.48
N ILE A 514 -12.75 17.00 -36.34
CA ILE A 514 -11.56 17.87 -36.25
C ILE A 514 -10.35 17.13 -35.65
N TYR A 515 -10.61 16.19 -34.76
CA TYR A 515 -9.56 15.44 -34.04
C TYR A 515 -8.50 14.88 -34.99
N SER A 516 -7.25 15.29 -34.77
CA SER A 516 -6.14 14.92 -35.66
C SER A 516 -4.88 14.63 -34.85
N PRO A 517 -4.84 13.44 -34.19
CA PRO A 517 -3.78 13.23 -33.22
C PRO A 517 -2.41 12.91 -33.78
N ASP A 518 -1.40 13.48 -33.15
CA ASP A 518 -0.03 13.06 -33.27
C ASP A 518 0.23 12.34 -31.95
N PHE A 519 0.42 11.03 -32.00
CA PHE A 519 0.52 10.22 -30.78
C PHE A 519 1.79 10.44 -29.98
N SER A 520 2.72 11.21 -30.54
CA SER A 520 3.95 11.58 -29.84
C SER A 520 3.88 12.97 -29.21
N PHE A 521 2.82 13.72 -29.51
CA PHE A 521 2.74 15.13 -29.13
C PHE A 521 2.09 15.31 -27.76
N SER A 522 2.52 16.33 -27.02
CA SER A 522 1.86 16.69 -25.75
C SER A 522 0.84 17.82 -25.97
N TYR A 523 -0.42 17.42 -26.08
CA TYR A 523 -1.54 18.36 -26.17
C TYR A 523 -1.79 19.08 -24.86
N PHE A 524 -1.56 18.38 -23.75
CA PHE A 524 -1.70 18.93 -22.42
C PHE A 524 -0.51 18.54 -21.58
N THR A 525 -0.17 19.39 -20.62
CA THR A 525 0.71 18.97 -19.55
C THR A 525 -0.07 18.88 -18.26
N LEU A 526 0.28 17.89 -17.45
CA LEU A 526 -0.35 17.76 -16.15
C LEU A 526 0.20 18.81 -15.21
N ASP A 527 -0.65 19.29 -14.32
CA ASP A 527 -0.21 20.20 -13.28
C ASP A 527 -0.60 19.53 -11.97
N ASP A 528 0.39 19.25 -11.13
CA ASP A 528 0.12 18.58 -9.87
C ASP A 528 0.68 19.46 -8.77
N SER A 529 -0.21 19.95 -7.89
CA SER A 529 0.18 20.87 -6.82
C SER A 529 0.88 20.20 -5.66
N ARG A 530 0.80 18.87 -5.58
CA ARG A 530 1.27 18.19 -4.36
C ARG A 530 2.27 17.09 -4.64
N TRP A 531 2.73 16.98 -5.86
CA TRP A 531 3.81 16.04 -6.16
C TRP A 531 4.66 16.58 -7.32
N PRO A 532 5.99 16.64 -7.15
CA PRO A 532 6.74 16.35 -5.91
C PRO A 532 6.46 17.35 -4.79
N GLY A 533 5.90 18.49 -5.13
CA GLY A 533 5.46 19.47 -4.14
C GLY A 533 6.34 20.69 -4.07
N SER A 534 5.71 21.77 -3.61
CA SER A 534 6.38 23.03 -3.37
C SER A 534 7.50 22.79 -2.37
N GLY A 535 8.70 23.24 -2.72
CA GLY A 535 9.87 23.03 -1.85
C GLY A 535 10.59 21.71 -2.08
N VAL A 536 10.03 20.87 -2.94
CA VAL A 536 10.62 19.59 -3.27
C VAL A 536 11.23 19.63 -4.68
N GLU A 537 10.40 19.98 -5.66
CA GLU A 537 10.87 20.19 -7.04
C GLU A 537 10.15 21.39 -7.63
N ASP A 538 10.86 22.22 -8.38
CA ASP A 538 10.19 23.26 -9.17
C ASP A 538 9.85 22.62 -10.52
N SER A 539 8.65 22.05 -10.60
CA SER A 539 8.27 21.16 -11.72
C SER A 539 7.08 21.70 -12.50
N ARG A 540 6.31 22.59 -11.86
CA ARG A 540 5.07 23.07 -12.45
C ARG A 540 5.31 24.15 -13.48
N THR A 541 4.50 24.10 -14.51
CA THR A 541 4.57 25.12 -15.54
C THR A 541 3.69 26.32 -15.16
N THR A 542 4.21 27.51 -15.42
CA THR A 542 3.44 28.72 -15.31
C THR A 542 2.67 28.92 -16.59
N ILE A 543 1.40 29.25 -16.44
CA ILE A 543 0.58 29.65 -17.59
C ILE A 543 0.94 31.10 -17.90
N ILE A 544 1.56 31.30 -19.07
CA ILE A 544 2.07 32.60 -19.45
C ILE A 544 1.08 33.29 -20.38
N LEU A 545 0.52 34.38 -19.86
CA LEU A 545 -0.45 35.20 -20.56
C LEU A 545 0.08 36.62 -20.67
N GLY A 546 -0.41 37.34 -21.66
CA GLY A 546 0.03 38.72 -21.88
C GLY A 546 -0.59 39.22 -23.14
N GLU A 547 -0.86 40.52 -23.14
CA GLU A 547 -1.50 41.16 -24.29
C GLU A 547 -0.69 40.98 -25.57
N ASP A 548 0.64 40.92 -25.42
CA ASP A 548 1.52 40.82 -26.58
C ASP A 548 1.98 39.38 -26.83
N ILE A 549 1.32 38.39 -26.20
CA ILE A 549 1.68 36.98 -26.46
C ILE A 549 0.49 36.02 -26.56
N LEU A 550 -0.41 36.09 -25.58
CA LEU A 550 -1.48 35.08 -25.47
C LEU A 550 -2.50 35.56 -24.44
N PRO A 551 -3.73 35.85 -24.88
CA PRO A 551 -4.74 36.35 -23.94
C PRO A 551 -5.35 35.34 -22.99
N SER A 552 -5.42 34.07 -23.36
CA SER A 552 -6.16 33.09 -22.55
C SER A 552 -5.63 31.69 -22.73
N LYS A 553 -6.03 30.81 -21.82
CA LYS A 553 -5.58 29.42 -21.78
C LYS A 553 -6.71 28.50 -21.31
N HIS A 554 -6.94 27.41 -22.05
CA HIS A 554 -7.84 26.36 -21.58
C HIS A 554 -7.12 25.41 -20.61
N VAL A 555 -7.86 25.06 -19.56
CA VAL A 555 -7.45 24.01 -18.63
C VAL A 555 -8.59 23.01 -18.51
N VAL A 556 -8.26 21.76 -18.16
CA VAL A 556 -9.26 20.70 -18.06
C VAL A 556 -9.02 19.92 -16.76
N MET A 557 -10.09 19.65 -16.04
CA MET A 557 -10.03 18.79 -14.86
C MET A 557 -10.71 17.45 -15.13
N HIS A 558 -10.07 16.39 -14.62
CA HIS A 558 -10.62 15.03 -14.62
C HIS A 558 -10.99 14.60 -13.22
N ASN A 559 -12.13 13.92 -13.12
CA ASN A 559 -12.61 13.36 -11.85
C ASN A 559 -12.76 11.85 -11.97
N THR A 560 -11.82 11.08 -11.41
CA THR A 560 -11.89 9.64 -11.57
C THR A 560 -13.00 8.97 -10.73
N LEU A 561 -13.53 9.70 -9.74
CA LEU A 561 -14.56 9.11 -8.87
C LEU A 561 -15.92 9.14 -9.55
N PRO A 562 -16.77 8.12 -9.28
CA PRO A 562 -18.08 8.02 -9.94
C PRO A 562 -19.20 8.85 -9.30
N HIS A 563 -18.89 10.07 -8.88
CA HIS A 563 -19.94 10.99 -8.41
C HIS A 563 -19.51 12.39 -8.82
N TRP A 564 -20.47 13.29 -9.02
CA TRP A 564 -20.14 14.70 -9.25
C TRP A 564 -19.25 15.19 -8.10
N ARG A 565 -18.21 15.96 -8.44
CA ARG A 565 -17.32 16.44 -7.40
C ARG A 565 -16.91 17.87 -7.66
N GLU A 566 -16.94 18.67 -6.60
CA GLU A 566 -16.33 19.99 -6.59
C GLU A 566 -15.06 19.95 -5.77
N GLN A 567 -14.06 20.68 -6.23
CA GLN A 567 -12.77 20.76 -5.52
C GLN A 567 -12.12 22.05 -5.95
N LEU A 568 -11.50 22.75 -5.01
CA LEU A 568 -10.64 23.87 -5.44
C LEU A 568 -9.44 23.34 -6.18
N VAL A 569 -9.08 24.02 -7.26
CA VAL A 569 -7.88 23.73 -8.04
C VAL A 569 -7.07 25.01 -8.19
N ASP A 570 -5.75 24.88 -8.28
CA ASP A 570 -4.91 26.05 -8.45
C ASP A 570 -3.95 25.86 -9.60
N PHE A 571 -3.60 26.98 -10.25
CA PHE A 571 -2.62 27.01 -11.32
C PHE A 571 -1.69 28.18 -11.07
N TYR A 572 -0.46 28.06 -11.55
CA TYR A 572 0.46 29.21 -11.58
C TYR A 572 0.21 30.00 -12.86
N VAL A 573 0.12 31.33 -12.71
CA VAL A 573 -0.10 32.26 -13.83
C VAL A 573 0.90 33.41 -13.76
N SER A 574 1.17 34.01 -14.90
CA SER A 574 2.21 35.06 -14.99
C SER A 574 1.71 36.47 -14.67
N SER A 575 0.43 36.59 -14.33
CA SER A 575 -0.17 37.89 -13.94
C SER A 575 -1.19 37.65 -12.84
N PRO A 576 -1.37 38.62 -11.91
CA PRO A 576 -2.45 38.48 -10.95
C PRO A 576 -3.83 38.83 -11.52
N PHE A 577 -3.87 39.44 -12.70
CA PHE A 577 -5.11 39.93 -13.26
C PHE A 577 -5.66 38.89 -14.22
N VAL A 578 -6.18 37.81 -13.63
CA VAL A 578 -6.68 36.66 -14.39
C VAL A 578 -8.06 36.32 -13.88
N SER A 579 -8.96 36.01 -14.81
CA SER A 579 -10.26 35.56 -14.40
C SER A 579 -10.63 34.27 -15.11
N VAL A 580 -11.59 33.59 -14.53
CA VAL A 580 -11.94 32.23 -14.91
C VAL A 580 -13.37 32.21 -15.44
N THR A 581 -13.56 31.45 -16.52
CA THR A 581 -14.89 31.17 -17.06
C THR A 581 -15.01 29.67 -17.33
N ASP A 582 -16.24 29.17 -17.35
CA ASP A 582 -16.49 27.80 -17.83
C ASP A 582 -16.62 27.86 -19.36
N LEU A 583 -16.82 26.75 -20.05
CA LEU A 583 -16.83 26.91 -21.51
C LEU A 583 -18.11 27.59 -22.04
N ALA A 584 -19.15 27.68 -21.21
CA ALA A 584 -20.35 28.47 -21.58
C ALA A 584 -20.11 29.94 -21.28
N ASN A 585 -18.86 30.28 -20.97
CA ASN A 585 -18.46 31.66 -20.71
C ASN A 585 -19.10 32.26 -19.45
N ASN A 586 -19.57 31.40 -18.54
CA ASN A 586 -20.08 31.85 -17.23
C ASN A 586 -18.88 32.17 -16.34
N PRO A 587 -18.87 33.36 -15.70
CA PRO A 587 -17.78 33.66 -14.78
C PRO A 587 -17.73 32.67 -13.63
N VAL A 588 -16.51 32.36 -13.16
CA VAL A 588 -16.31 31.49 -12.03
C VAL A 588 -15.51 32.29 -11.00
N GLU A 589 -15.97 32.32 -9.75
CA GLU A 589 -15.28 33.08 -8.71
C GLU A 589 -13.87 32.51 -8.50
N ALA A 590 -12.87 33.38 -8.37
CA ALA A 590 -11.50 32.95 -8.20
C ALA A 590 -10.81 33.78 -7.15
N GLN A 591 -9.71 33.23 -6.63
CA GLN A 591 -8.86 33.91 -5.67
C GLN A 591 -7.44 33.83 -6.19
N VAL A 592 -6.71 34.94 -6.13
CA VAL A 592 -5.29 34.95 -6.42
C VAL A 592 -4.51 35.14 -5.13
N SER A 593 -3.47 34.32 -4.98
CA SER A 593 -2.56 34.37 -3.85
C SER A 593 -1.13 34.42 -4.40
N PRO A 594 -0.16 34.86 -3.59
CA PRO A 594 1.21 34.82 -4.06
C PRO A 594 1.78 33.40 -4.16
N VAL A 595 2.91 33.26 -4.84
CA VAL A 595 3.67 32.02 -4.79
C VAL A 595 4.77 32.21 -3.73
N TRP A 596 4.65 31.48 -2.62
CA TRP A 596 5.55 31.56 -1.48
C TRP A 596 6.46 30.35 -1.46
N SER A 597 7.76 30.59 -1.29
CA SER A 597 8.74 29.53 -1.17
C SER A 597 9.54 29.77 0.10
N TRP A 598 9.84 28.68 0.81
CA TRP A 598 10.54 28.79 2.08
C TRP A 598 12.01 28.52 1.89
N HIS A 599 12.83 29.34 2.53
N HIS A 599 12.81 29.34 2.56
CA HIS A 599 14.25 29.27 2.32
CA HIS A 599 14.25 29.48 2.37
C HIS A 599 14.98 29.23 3.64
C HIS A 599 14.93 29.21 3.71
N HIS A 600 15.90 28.30 3.74
CA HIS A 600 16.74 28.18 4.90
C HIS A 600 17.90 29.11 4.65
N ASP A 601 17.82 30.26 5.30
CA ASP A 601 18.75 31.35 5.07
C ASP A 601 20.02 31.05 5.87
N THR A 602 21.07 30.64 5.18
CA THR A 602 22.31 30.24 5.86
C THR A 602 23.15 31.43 6.31
N LEU A 603 22.72 32.64 5.95
CA LEU A 603 23.31 33.87 6.45
C LEU A 603 22.66 34.32 7.77
N THR A 604 21.34 34.53 7.75
CA THR A 604 20.62 34.97 8.93
C THR A 604 20.26 33.83 9.90
N LYS A 605 20.42 32.58 9.46
CA LYS A 605 20.09 31.40 10.27
C LYS A 605 18.62 31.38 10.68
N THR A 606 17.78 31.73 9.71
CA THR A 606 16.33 31.66 9.91
C THR A 606 15.72 30.96 8.71
N ILE A 607 14.49 30.47 8.90
CA ILE A 607 13.75 29.82 7.83
C ILE A 607 12.55 30.74 7.55
N HIS A 608 12.49 31.31 6.35
CA HIS A 608 11.50 32.35 6.09
C HIS A 608 11.04 32.30 4.64
N PRO A 609 9.83 32.79 4.36
CA PRO A 609 9.28 32.72 3.02
C PRO A 609 9.63 33.90 2.15
N GLN A 610 9.83 33.59 0.87
CA GLN A 610 10.05 34.60 -0.16
C GLN A 610 8.92 34.51 -1.15
N GLY A 611 8.45 35.65 -1.62
CA GLY A 611 7.35 35.64 -2.60
C GLY A 611 7.83 35.95 -4.01
N SER A 612 7.18 35.36 -5.00
CA SER A 612 7.53 35.65 -6.41
C SER A 612 6.98 37.00 -6.80
N THR A 613 7.71 37.74 -7.66
CA THR A 613 7.20 38.99 -8.19
C THR A 613 6.71 38.87 -9.64
N THR A 614 6.67 37.64 -10.17
CA THR A 614 6.22 37.41 -11.55
C THR A 614 5.32 36.19 -11.76
N LYS A 615 5.17 35.32 -10.76
CA LYS A 615 4.25 34.16 -10.78
C LYS A 615 3.27 34.32 -9.63
N TYR A 616 2.02 33.90 -9.86
CA TYR A 616 0.95 33.97 -8.88
C TYR A 616 0.14 32.70 -8.96
N ARG A 617 -0.60 32.40 -7.89
CA ARG A 617 -1.52 31.26 -7.87
C ARG A 617 -2.94 31.73 -8.08
N ILE A 618 -3.64 31.15 -9.04
CA ILE A 618 -5.08 31.37 -9.16
C ILE A 618 -5.79 30.11 -8.70
N ILE A 619 -6.86 30.29 -7.93
CA ILE A 619 -7.57 29.22 -7.26
C ILE A 619 -9.04 29.38 -7.56
N PHE A 620 -9.71 28.29 -7.97
CA PHE A 620 -11.14 28.37 -8.22
C PHE A 620 -11.75 26.99 -8.00
N LYS A 621 -13.06 26.97 -7.84
CA LYS A 621 -13.78 25.72 -7.63
C LYS A 621 -14.12 25.08 -8.98
N ALA A 622 -13.56 23.90 -9.23
CA ALA A 622 -13.96 23.11 -10.40
C ALA A 622 -15.10 22.16 -10.02
N ARG A 623 -16.05 22.00 -10.94
CA ARG A 623 -17.15 21.05 -10.76
C ARG A 623 -17.11 20.09 -11.93
N VAL A 624 -16.97 18.80 -11.63
CA VAL A 624 -16.60 17.83 -12.66
C VAL A 624 -17.54 16.63 -12.60
N PRO A 625 -18.02 16.17 -13.78
CA PRO A 625 -18.94 15.02 -13.77
C PRO A 625 -18.33 13.74 -13.20
N PRO A 626 -19.18 12.74 -12.87
CA PRO A 626 -18.68 11.43 -12.44
C PRO A 626 -17.79 10.86 -13.55
N MET A 627 -16.59 10.41 -13.21
CA MET A 627 -15.67 9.78 -14.19
C MET A 627 -15.56 10.63 -15.44
N GLY A 628 -15.47 11.93 -15.24
CA GLY A 628 -15.64 12.89 -16.34
C GLY A 628 -14.62 13.99 -16.39
N LEU A 629 -14.88 14.93 -17.31
CA LEU A 629 -14.00 16.06 -17.57
C LEU A 629 -14.77 17.36 -17.64
N ALA A 630 -14.11 18.45 -17.22
CA ALA A 630 -14.69 19.79 -17.30
C ALA A 630 -13.62 20.80 -17.73
N THR A 631 -13.97 21.63 -18.69
CA THR A 631 -13.06 22.62 -19.27
C THR A 631 -13.32 24.03 -18.75
N TYR A 632 -12.24 24.76 -18.43
CA TYR A 632 -12.34 26.16 -18.01
C TYR A 632 -11.34 26.97 -18.81
N VAL A 633 -11.51 28.29 -18.79
CA VAL A 633 -10.64 29.21 -19.50
C VAL A 633 -10.13 30.27 -18.53
N LEU A 634 -8.82 30.50 -18.57
CA LEU A 634 -8.17 31.58 -17.80
C LEU A 634 -7.83 32.71 -18.76
N THR A 635 -8.26 33.93 -18.43
CA THR A 635 -8.08 35.07 -19.33
C THR A 635 -7.44 36.23 -18.59
N ILE A 636 -6.42 36.83 -19.22
CA ILE A 636 -5.77 38.00 -18.61
C ILE A 636 -6.54 39.30 -18.88
N SER A 637 -6.41 40.24 -17.96
CA SER A 637 -6.89 41.60 -18.19
C SER A 637 -5.86 42.58 -17.65
N ASP A 638 -6.06 43.87 -17.93
CA ASP A 638 -5.11 44.91 -17.55
C ASP A 638 -5.18 45.25 -16.06
N SER A 639 -6.34 45.00 -15.47
CA SER A 639 -6.58 45.35 -14.08
C SER A 639 -7.45 44.31 -13.38
N LYS A 640 -7.71 44.51 -12.09
CA LYS A 640 -8.46 43.55 -11.29
C LYS A 640 -9.80 43.17 -11.93
N PRO A 641 -9.98 41.88 -12.27
CA PRO A 641 -11.23 41.36 -12.82
C PRO A 641 -12.34 41.34 -11.78
N GLU A 642 -13.59 41.49 -12.23
CA GLU A 642 -14.74 41.52 -11.34
C GLU A 642 -14.87 40.30 -10.41
N HIS A 643 -14.56 39.12 -10.93
CA HIS A 643 -14.85 37.88 -10.21
C HIS A 643 -13.62 37.22 -9.58
N THR A 644 -12.54 37.98 -9.46
CA THR A 644 -11.31 37.48 -8.83
C THR A 644 -10.96 38.36 -7.63
N SER A 645 -10.73 37.74 -6.48
CA SER A 645 -10.32 38.45 -5.26
C SER A 645 -8.87 38.14 -4.97
N TYR A 646 -8.27 38.89 -4.05
CA TYR A 646 -6.85 38.75 -3.71
C TYR A 646 -6.70 38.50 -2.22
N ALA A 647 -5.90 37.51 -1.86
CA ALA A 647 -5.64 37.18 -0.47
C ALA A 647 -4.81 38.28 0.20
N SER A 648 -5.05 38.46 1.49
CA SER A 648 -4.13 39.23 2.30
C SER A 648 -3.02 38.32 2.80
N ASN A 649 -1.89 38.90 3.15
CA ASN A 649 -0.75 38.15 3.65
C ASN A 649 -0.14 38.87 4.82
N LEU A 650 0.14 38.11 5.87
CA LEU A 650 0.65 38.65 7.13
C LEU A 650 1.83 37.80 7.56
N LEU A 651 2.98 38.44 7.66
CA LEU A 651 4.20 37.76 8.07
C LEU A 651 4.52 38.10 9.52
N LEU A 652 4.53 37.08 10.38
CA LEU A 652 4.71 37.25 11.82
C LEU A 652 6.11 36.81 12.22
N ARG A 653 6.91 37.79 12.61
CA ARG A 653 8.30 37.59 13.03
C ARG A 653 8.79 38.90 13.60
N LYS A 654 9.72 38.82 14.54
CA LYS A 654 10.47 40.01 14.92
C LYS A 654 11.55 40.18 13.85
N ASN A 655 11.99 41.41 13.65
N ASN A 655 12.01 41.41 13.67
CA ASN A 655 13.01 41.70 12.65
CA ASN A 655 13.02 41.73 12.65
C ASN A 655 12.57 41.38 11.20
C ASN A 655 12.58 41.41 11.20
N PRO A 656 11.39 41.86 10.80
CA PRO A 656 10.94 41.62 9.42
C PRO A 656 11.67 42.53 8.46
N THR A 657 11.74 42.07 7.22
CA THR A 657 12.21 42.90 6.14
C THR A 657 11.10 42.87 5.09
N SER A 658 11.16 43.81 4.16
CA SER A 658 10.12 43.98 3.15
C SER A 658 9.93 42.72 2.29
N LEU A 659 8.74 42.61 1.70
CA LEU A 659 8.35 41.47 0.87
C LEU A 659 7.53 41.97 -0.32
N PRO A 660 8.21 42.50 -1.35
CA PRO A 660 7.51 42.99 -2.53
C PRO A 660 6.94 41.83 -3.36
N LEU A 661 5.82 42.08 -4.04
CA LEU A 661 5.12 41.01 -4.76
C LEU A 661 4.73 41.43 -6.19
N GLY A 662 5.47 42.38 -6.77
CA GLY A 662 5.22 42.79 -8.17
C GLY A 662 3.87 43.44 -8.30
N GLN A 663 3.08 42.95 -9.28
CA GLN A 663 1.77 43.53 -9.55
C GLN A 663 0.69 43.07 -8.57
N TYR A 664 1.02 42.14 -7.67
CA TYR A 664 0.03 41.66 -6.71
C TYR A 664 -0.56 42.87 -5.97
N PRO A 665 -1.90 43.05 -6.02
CA PRO A 665 -2.50 44.31 -5.55
C PRO A 665 -2.57 44.59 -4.05
N GLU A 666 -2.25 43.62 -3.20
CA GLU A 666 -2.33 43.81 -1.73
C GLU A 666 -0.93 43.75 -1.14
N ASP A 667 -0.55 44.78 -0.38
CA ASP A 667 0.77 44.80 0.24
C ASP A 667 0.83 43.82 1.41
N VAL A 668 1.93 43.08 1.50
CA VAL A 668 2.18 42.21 2.67
C VAL A 668 2.22 43.04 3.95
N LYS A 669 1.59 42.53 5.01
CA LYS A 669 1.60 43.13 6.35
C LYS A 669 2.53 42.35 7.27
N PHE A 670 3.03 43.02 8.31
CA PHE A 670 4.01 42.45 9.23
C PHE A 670 3.52 42.62 10.66
N GLY A 671 4.00 41.76 11.54
CA GLY A 671 3.73 41.91 12.97
C GLY A 671 4.59 40.99 13.80
N ASP A 672 4.62 41.24 15.10
CA ASP A 672 5.27 40.32 16.03
C ASP A 672 4.43 39.04 16.11
N PRO A 673 5.08 37.89 16.39
CA PRO A 673 4.32 36.65 16.60
C PRO A 673 3.17 36.85 17.58
N ARG A 674 2.04 36.24 17.26
CA ARG A 674 0.83 36.34 18.08
C ARG A 674 -0.10 35.19 17.73
N GLU A 675 -1.00 34.86 18.65
CA GLU A 675 -2.06 33.91 18.37
C GLU A 675 -2.99 34.47 17.30
N ILE A 676 -3.49 33.58 16.46
CA ILE A 676 -4.45 34.01 15.47
C ILE A 676 -5.55 32.98 15.26
N SER A 677 -6.66 33.45 14.69
CA SER A 677 -7.80 32.61 14.38
C SER A 677 -8.27 32.88 12.97
N LEU A 678 -8.72 31.82 12.30
CA LEU A 678 -9.18 31.92 10.92
C LEU A 678 -10.44 31.11 10.74
N ARG A 679 -11.27 31.59 9.82
CA ARG A 679 -12.46 30.86 9.37
C ARG A 679 -12.67 31.10 7.89
N VAL A 680 -12.79 30.02 7.12
CA VAL A 680 -13.14 30.11 5.72
C VAL A 680 -14.58 29.63 5.52
N GLY A 681 -15.35 30.41 4.77
CA GLY A 681 -16.76 30.07 4.49
C GLY A 681 -17.54 29.89 5.77
N ASN A 682 -18.39 28.87 5.80
CA ASN A 682 -19.17 28.57 6.99
C ASN A 682 -18.57 27.41 7.77
N GLY A 683 -17.31 27.12 7.46
CA GLY A 683 -16.64 25.94 8.01
C GLY A 683 -16.11 26.19 9.40
N PRO A 684 -15.17 25.35 9.85
CA PRO A 684 -14.70 25.50 11.24
C PRO A 684 -13.83 26.75 11.45
N THR A 685 -13.77 27.20 12.69
CA THR A 685 -12.86 28.27 13.07
C THR A 685 -11.67 27.64 13.76
N LEU A 686 -10.48 27.92 13.26
CA LEU A 686 -9.27 27.33 13.79
C LEU A 686 -8.43 28.38 14.49
N ALA A 687 -7.92 28.04 15.67
CA ALA A 687 -7.02 28.93 16.42
C ALA A 687 -5.62 28.35 16.43
N PHE A 688 -4.62 29.22 16.33
CA PHE A 688 -3.22 28.84 16.27
C PHE A 688 -2.40 29.55 17.33
N SER A 689 -1.38 28.86 17.82
CA SER A 689 -0.41 29.45 18.74
C SER A 689 0.45 30.48 18.02
N GLU A 690 1.22 31.23 18.81
CA GLU A 690 2.19 32.16 18.21
C GLU A 690 3.30 31.48 17.41
N GLN A 691 3.44 30.17 17.60
CA GLN A 691 4.35 29.38 16.77
C GLN A 691 3.72 28.79 15.51
N GLY A 692 2.49 29.17 15.22
CA GLY A 692 1.84 28.76 13.96
C GLY A 692 1.28 27.36 13.97
N LEU A 693 1.05 26.80 15.16
CA LEU A 693 0.55 25.45 15.32
C LEU A 693 -0.87 25.46 15.86
N LEU A 694 -1.71 24.58 15.31
CA LEU A 694 -3.09 24.49 15.73
C LEU A 694 -3.19 24.29 17.24
N LYS A 695 -4.14 25.00 17.86
CA LYS A 695 -4.46 24.81 19.27
C LYS A 695 -5.92 24.45 19.52
N SER A 696 -6.83 24.84 18.63
CA SER A 696 -8.25 24.51 18.83
C SER A 696 -9.05 24.54 17.53
N ILE A 697 -10.17 23.79 17.51
CA ILE A 697 -11.11 23.79 16.40
C ILE A 697 -12.51 24.05 16.96
N GLN A 698 -13.19 25.01 16.37
CA GLN A 698 -14.57 25.31 16.73
C GLN A 698 -15.43 24.97 15.53
N LEU A 699 -16.26 23.93 15.63
CA LEU A 699 -16.99 23.43 14.44
C LEU A 699 -18.02 24.40 13.86
N THR A 700 -18.75 25.09 14.74
CA THR A 700 -19.80 26.02 14.32
C THR A 700 -19.76 27.30 15.16
N GLN A 701 -20.51 28.32 14.71
CA GLN A 701 -20.58 29.62 15.40
C GLN A 701 -20.80 29.53 16.91
N ASP A 702 -21.78 28.73 17.31
CA ASP A 702 -22.17 28.63 18.72
C ASP A 702 -21.34 27.61 19.51
N SER A 703 -20.69 26.69 18.81
CA SER A 703 -20.06 25.53 19.45
C SER A 703 -18.76 25.87 20.21
N PRO A 704 -18.27 24.94 21.06
CA PRO A 704 -17.04 25.10 21.84
C PRO A 704 -15.75 25.15 21.02
N HIS A 705 -14.72 25.82 21.55
CA HIS A 705 -13.36 25.74 20.97
C HIS A 705 -12.67 24.50 21.53
N VAL A 706 -12.72 23.41 20.77
CA VAL A 706 -12.22 22.12 21.22
C VAL A 706 -10.68 22.08 21.15
N PRO A 707 -9.99 21.79 22.27
CA PRO A 707 -8.53 21.71 22.22
C PRO A 707 -8.03 20.59 21.31
N VAL A 708 -7.20 21.00 20.34
CA VAL A 708 -6.58 20.08 19.37
C VAL A 708 -5.24 20.73 19.06
N HIS A 709 -4.19 20.17 19.63
CA HIS A 709 -2.86 20.80 19.52
C HIS A 709 -1.89 19.96 18.70
N PHE A 710 -1.30 20.58 17.68
CA PHE A 710 -0.20 19.95 16.94
C PHE A 710 1.14 20.24 17.64
N LYS A 711 1.98 19.21 17.68
CA LYS A 711 3.30 19.29 18.30
C LYS A 711 4.26 18.42 17.51
N PHE A 712 5.50 18.87 17.35
CA PHE A 712 6.56 18.09 16.75
C PHE A 712 7.58 17.66 17.81
N LEU A 713 7.93 16.38 17.79
CA LEU A 713 8.86 15.80 18.75
C LEU A 713 9.88 14.93 18.02
N LYS A 714 10.91 14.52 18.74
CA LYS A 714 11.97 13.68 18.19
C LYS A 714 12.23 12.47 19.06
N TYR A 715 12.36 11.32 18.41
CA TYR A 715 12.89 10.13 19.03
C TYR A 715 14.36 10.00 18.65
N GLY A 716 15.15 9.41 19.54
CA GLY A 716 16.54 9.12 19.27
C GLY A 716 16.79 7.62 19.21
N VAL A 717 18.07 7.26 19.31
CA VAL A 717 18.53 5.88 19.17
C VAL A 717 19.33 5.52 20.43
N ARG A 718 19.31 4.25 20.80
CA ARG A 718 19.98 3.77 22.02
C ARG A 718 21.47 3.83 21.87
N SER A 719 22.16 4.16 22.97
CA SER A 719 23.61 4.30 22.98
C SER A 719 24.27 2.96 23.34
N HIS A 720 23.48 2.04 23.89
CA HIS A 720 23.92 0.67 24.11
C HIS A 720 22.80 -0.29 23.73
N GLY A 721 23.18 -1.50 23.33
CA GLY A 721 22.22 -2.49 22.82
C GLY A 721 21.85 -2.25 21.36
N ASP A 722 20.69 -2.77 20.98
CA ASP A 722 20.31 -2.81 19.57
C ASP A 722 19.94 -1.42 19.06
N ARG A 723 20.38 -1.11 17.85
CA ARG A 723 20.15 0.19 17.22
C ARG A 723 19.01 0.14 16.19
N SER A 724 18.22 1.20 16.18
CA SER A 724 17.22 1.38 15.14
C SER A 724 17.87 1.41 13.77
N GLY A 725 17.18 0.87 12.76
CA GLY A 725 17.65 0.94 11.38
C GLY A 725 16.44 0.96 10.46
N ALA A 726 16.62 0.58 9.19
CA ALA A 726 15.50 0.65 8.25
C ALA A 726 14.28 -0.17 8.65
N TYR A 727 14.50 -1.28 9.36
CA TYR A 727 13.39 -2.17 9.79
C TYR A 727 12.89 -1.85 11.18
N LEU A 728 13.85 -1.75 12.13
CA LEU A 728 13.51 -1.73 13.55
C LEU A 728 13.40 -0.31 14.10
N PHE A 729 12.39 -0.08 14.95
CA PHE A 729 12.26 1.15 15.72
C PHE A 729 12.59 0.79 17.17
N LEU A 730 13.71 1.29 17.66
CA LEU A 730 14.22 0.97 19.00
C LEU A 730 14.53 2.29 19.69
N PRO A 731 13.48 3.04 20.05
CA PRO A 731 13.72 4.39 20.58
C PRO A 731 14.41 4.36 21.93
N ASN A 732 15.14 5.43 22.23
CA ASN A 732 15.76 5.61 23.56
C ASN A 732 14.79 6.36 24.47
N GLY A 733 13.59 5.81 24.63
CA GLY A 733 12.58 6.42 25.48
C GLY A 733 11.55 7.24 24.71
N PRO A 734 10.53 7.76 25.41
CA PRO A 734 9.55 8.63 24.77
C PRO A 734 10.17 9.83 24.08
N ALA A 735 9.46 10.36 23.09
CA ALA A 735 9.96 11.48 22.30
C ALA A 735 10.12 12.75 23.13
N SER A 736 11.07 13.58 22.69
CA SER A 736 11.35 14.88 23.29
C SER A 736 10.90 16.00 22.35
N PRO A 737 10.35 17.11 22.89
CA PRO A 737 9.88 18.15 21.96
C PRO A 737 11.00 18.75 21.10
N VAL A 738 10.72 19.02 19.83
CA VAL A 738 11.63 19.78 19.00
C VAL A 738 11.69 21.21 19.54
N GLU A 739 12.90 21.73 19.72
CA GLU A 739 13.08 23.10 20.19
C GLU A 739 12.77 24.03 19.02
N LEU A 740 11.72 24.82 19.16
CA LEU A 740 11.21 25.60 18.02
C LEU A 740 11.83 26.97 17.81
N GLY A 741 12.44 27.53 18.86
CA GLY A 741 12.94 28.91 18.79
C GLY A 741 11.80 29.88 18.62
N GLN A 742 11.99 30.90 17.77
CA GLN A 742 10.91 31.84 17.47
C GLN A 742 10.64 31.78 15.96
N PRO A 743 9.85 30.78 15.54
CA PRO A 743 9.75 30.56 14.09
C PRO A 743 8.93 31.64 13.37
N VAL A 744 9.21 31.78 12.08
CA VAL A 744 8.49 32.72 11.23
C VAL A 744 7.18 32.08 10.79
N VAL A 745 6.09 32.82 10.92
CA VAL A 745 4.74 32.36 10.60
C VAL A 745 4.14 33.22 9.50
N LEU A 746 3.58 32.57 8.47
CA LEU A 746 2.95 33.27 7.37
C LEU A 746 1.47 32.96 7.33
N VAL A 747 0.64 34.00 7.39
CA VAL A 747 -0.80 33.84 7.37
C VAL A 747 -1.33 34.42 6.07
N THR A 748 -2.02 33.60 5.27
CA THR A 748 -2.64 34.06 4.05
C THR A 748 -4.13 33.91 4.21
N LYS A 749 -4.87 34.98 4.00
CA LYS A 749 -6.31 34.99 4.24
C LYS A 749 -7.05 35.34 2.98
N GLY A 750 -7.88 34.41 2.51
CA GLY A 750 -8.62 34.62 1.29
C GLY A 750 -10.05 34.17 1.42
N LYS A 751 -10.89 34.57 0.46
CA LYS A 751 -12.30 34.21 0.48
C LYS A 751 -12.50 32.71 0.24
N LEU A 752 -11.67 32.13 -0.62
CA LEU A 752 -11.76 30.71 -0.98
C LEU A 752 -10.81 29.80 -0.20
N GLU A 753 -9.62 30.32 0.12
CA GLU A 753 -8.59 29.53 0.76
C GLU A 753 -7.75 30.41 1.67
N SER A 754 -7.53 29.95 2.89
CA SER A 754 -6.63 30.60 3.83
C SER A 754 -5.64 29.58 4.34
N SER A 755 -4.52 30.03 4.91
CA SER A 755 -3.54 29.12 5.43
CA SER A 755 -3.35 29.20 5.21
C SER A 755 -2.60 29.78 6.43
N VAL A 756 -2.08 28.94 7.32
CA VAL A 756 -1.03 29.31 8.25
C VAL A 756 0.15 28.38 7.99
N SER A 757 1.31 28.94 7.69
CA SER A 757 2.53 28.16 7.43
C SER A 757 3.63 28.62 8.38
N VAL A 758 4.42 27.67 8.89
CA VAL A 758 5.51 28.00 9.80
C VAL A 758 6.76 27.20 9.47
N GLY A 759 7.92 27.88 9.50
CA GLY A 759 9.21 27.24 9.22
C GLY A 759 9.80 26.74 10.50
N LEU A 760 9.58 25.46 10.78
CA LEU A 760 10.12 24.81 11.98
C LEU A 760 11.41 24.10 11.63
N PRO A 761 12.23 23.76 12.64
CA PRO A 761 13.39 22.93 12.32
C PRO A 761 12.94 21.61 11.70
N SER A 762 13.42 21.37 10.48
CA SER A 762 13.17 20.18 9.67
C SER A 762 11.80 20.09 9.03
N VAL A 763 10.89 21.03 9.32
CA VAL A 763 9.53 20.91 8.79
C VAL A 763 8.94 22.28 8.49
N VAL A 764 8.54 22.50 7.23
CA VAL A 764 7.63 23.63 6.95
C VAL A 764 6.21 23.07 7.09
N HIS A 765 5.51 23.50 8.14
CA HIS A 765 4.20 22.95 8.52
C HIS A 765 3.14 23.93 8.07
N GLN A 766 2.12 23.43 7.38
CA GLN A 766 1.10 24.26 6.80
C GLN A 766 -0.28 23.70 7.09
N THR A 767 -1.16 24.59 7.54
CA THR A 767 -2.58 24.27 7.75
C THR A 767 -3.38 25.09 6.75
N ILE A 768 -4.11 24.41 5.87
CA ILE A 768 -4.85 25.02 4.79
C ILE A 768 -6.35 24.81 5.00
N MET A 769 -7.11 25.89 4.82
CA MET A 769 -8.53 25.92 5.10
C MET A 769 -9.29 26.32 3.85
N ARG A 770 -10.26 25.48 3.46
CA ARG A 770 -11.07 25.76 2.29
C ARG A 770 -12.56 25.69 2.61
N GLY A 771 -12.88 25.64 3.88
CA GLY A 771 -14.28 25.66 4.26
C GLY A 771 -14.78 24.39 4.87
N GLY A 772 -13.96 23.34 4.83
CA GLY A 772 -14.27 22.07 5.50
C GLY A 772 -13.14 21.70 6.47
N ALA A 773 -12.94 20.41 6.71
CA ALA A 773 -11.80 19.96 7.49
C ALA A 773 -10.49 20.50 6.87
N PRO A 774 -9.56 20.98 7.71
CA PRO A 774 -8.31 21.47 7.11
C PRO A 774 -7.46 20.39 6.44
N GLU A 775 -6.62 20.85 5.52
CA GLU A 775 -5.56 20.06 4.93
C GLU A 775 -4.26 20.46 5.62
N ILE A 776 -3.48 19.48 6.01
CA ILE A 776 -2.15 19.71 6.59
C ILE A 776 -1.11 19.28 5.58
N ARG A 777 -0.11 20.11 5.32
CA ARG A 777 1.05 19.72 4.52
C ARG A 777 2.33 19.95 5.29
N ASN A 778 3.20 18.96 5.32
CA ASN A 778 4.51 19.12 5.93
C ASN A 778 5.57 18.90 4.90
N LEU A 779 6.40 19.93 4.69
CA LEU A 779 7.59 19.75 3.86
C LEU A 779 8.71 19.34 4.80
N VAL A 780 9.06 18.06 4.78
CA VAL A 780 9.94 17.46 5.78
C VAL A 780 11.34 17.29 5.20
N ASP A 781 12.32 17.98 5.80
CA ASP A 781 13.71 17.86 5.41
C ASP A 781 14.54 17.65 6.65
N ILE A 782 14.76 16.39 6.99
CA ILE A 782 15.48 16.02 8.21
C ILE A 782 16.97 16.37 8.14
N GLY A 783 17.42 16.76 6.94
CA GLY A 783 18.78 17.32 6.77
C GLY A 783 19.82 16.33 7.23
N SER A 784 20.74 16.80 8.06
CA SER A 784 21.82 15.95 8.55
C SER A 784 21.63 15.52 10.02
N LEU A 785 20.39 15.53 10.50
CA LEU A 785 20.12 15.10 11.87
C LEU A 785 20.21 13.58 12.07
N ASP A 786 21.42 13.07 12.24
CA ASP A 786 21.61 11.63 12.39
C ASP A 786 20.88 11.09 13.63
N ASN A 787 20.47 9.84 13.52
CA ASN A 787 19.85 9.14 14.64
C ASN A 787 18.68 9.89 15.23
N THR A 788 17.81 10.37 14.35
CA THR A 788 16.63 11.14 14.74
C THR A 788 15.40 10.65 13.96
N GLU A 789 14.28 10.55 14.66
CA GLU A 789 13.00 10.26 14.01
C GLU A 789 12.08 11.41 14.40
N ILE A 790 11.50 12.09 13.42
CA ILE A 790 10.65 13.26 13.68
C ILE A 790 9.19 12.79 13.66
N VAL A 791 8.45 13.05 14.74
CA VAL A 791 7.05 12.68 14.87
C VAL A 791 6.18 13.91 14.96
N MET A 792 5.01 13.83 14.32
CA MET A 792 3.95 14.82 14.46
C MET A 792 2.88 14.25 15.38
N ARG A 793 2.59 14.94 16.48
CA ARG A 793 1.60 14.48 17.47
C ARG A 793 0.46 15.47 17.57
N LEU A 794 -0.74 14.91 17.79
CA LEU A 794 -1.95 15.66 18.14
C LEU A 794 -2.33 15.35 19.58
N GLU A 795 -2.53 16.40 20.38
CA GLU A 795 -2.97 16.26 21.77
C GLU A 795 -4.38 16.82 21.91
N THR A 796 -5.29 16.01 22.45
CA THR A 796 -6.67 16.41 22.63
C THR A 796 -7.16 15.99 24.02
N HIS A 797 -8.41 16.35 24.27
N HIS A 797 -8.37 16.36 24.38
CA HIS A 797 -9.14 16.00 25.48
CA HIS A 797 -8.97 15.81 25.62
C HIS A 797 -9.87 14.69 25.40
C HIS A 797 -10.17 14.87 25.26
N ILE A 798 -10.00 14.15 24.17
CA ILE A 798 -10.85 13.01 23.86
C ILE A 798 -10.49 11.86 24.80
N ASP A 799 -11.51 11.30 25.46
CA ASP A 799 -11.31 10.26 26.46
C ASP A 799 -11.22 8.87 25.79
N SER A 800 -10.18 8.69 24.98
CA SER A 800 -10.01 7.45 24.23
C SER A 800 -9.40 6.31 25.05
N GLY A 801 -8.76 6.63 26.18
CA GLY A 801 -8.19 5.59 27.02
C GLY A 801 -7.03 4.90 26.33
N ASP A 802 -7.15 3.60 26.08
CA ASP A 802 -6.11 2.83 25.41
C ASP A 802 -6.53 2.36 24.03
N ILE A 803 -7.60 2.91 23.50
CA ILE A 803 -8.12 2.47 22.20
C ILE A 803 -7.81 3.48 21.10
N PHE A 804 -7.46 2.97 19.92
CA PHE A 804 -7.33 3.80 18.74
C PHE A 804 -7.59 2.92 17.53
N TYR A 805 -7.74 3.53 16.36
CA TYR A 805 -8.05 2.78 15.15
C TYR A 805 -7.07 3.18 14.06
N THR A 806 -6.60 2.19 13.30
CA THR A 806 -5.73 2.44 12.16
C THR A 806 -6.25 1.62 10.99
N ASP A 807 -5.90 1.99 9.76
CA ASP A 807 -6.39 1.20 8.64
C ASP A 807 -5.41 0.10 8.20
N LEU A 808 -5.95 -0.84 7.45
CA LEU A 808 -5.18 -1.89 6.80
C LEU A 808 -5.32 -1.67 5.30
N ASN A 809 -4.20 -1.30 4.67
CA ASN A 809 -4.11 -1.21 3.20
C ASN A 809 -5.15 -0.30 2.57
N GLY A 810 -5.63 0.71 3.30
CA GLY A 810 -6.63 1.60 2.71
C GLY A 810 -8.00 0.96 2.54
N LEU A 811 -8.20 -0.23 3.12
CA LEU A 811 -9.41 -1.03 2.88
C LEU A 811 -10.39 -1.05 4.06
N GLN A 812 -9.87 -1.05 5.29
CA GLN A 812 -10.68 -1.31 6.47
C GLN A 812 -9.97 -0.69 7.66
N PHE A 813 -10.73 -0.34 8.70
CA PHE A 813 -10.17 0.19 9.94
C PHE A 813 -10.29 -0.86 11.03
N ILE A 814 -9.18 -1.10 11.73
CA ILE A 814 -9.12 -2.12 12.75
C ILE A 814 -8.89 -1.47 14.11
N LYS A 815 -9.58 -1.97 15.11
CA LYS A 815 -9.37 -1.51 16.47
C LYS A 815 -8.02 -1.96 17.01
N ARG A 816 -7.30 -1.00 17.58
CA ARG A 816 -6.03 -1.21 18.28
C ARG A 816 -6.21 -0.94 19.76
N ARG A 817 -5.49 -1.69 20.58
CA ARG A 817 -5.43 -1.40 22.01
C ARG A 817 -3.96 -1.22 22.37
N ARG A 818 -3.63 -0.03 22.89
CA ARG A 818 -2.28 0.22 23.40
C ARG A 818 -2.03 -0.71 24.57
N LEU A 819 -0.87 -1.37 24.60
CA LEU A 819 -0.54 -2.33 25.65
C LEU A 819 0.72 -1.89 26.34
N ASP A 820 0.58 -1.47 27.59
CA ASP A 820 1.73 -0.99 28.34
C ASP A 820 2.66 -2.15 28.72
N LYS A 821 2.17 -3.38 28.62
CA LYS A 821 3.02 -4.57 28.84
C LYS A 821 4.01 -4.80 27.71
N LEU A 822 3.82 -4.10 26.59
CA LEU A 822 4.74 -4.17 25.45
C LEU A 822 5.53 -2.86 25.36
N PRO A 823 6.73 -2.89 24.75
CA PRO A 823 7.50 -1.64 24.61
C PRO A 823 6.85 -0.64 23.64
N LEU A 824 7.28 0.61 23.72
CA LEU A 824 6.73 1.67 22.92
C LEU A 824 6.60 1.27 21.43
N GLN A 825 7.68 0.73 20.86
CA GLN A 825 7.72 0.43 19.42
C GLN A 825 6.73 -0.67 19.00
N ALA A 826 6.28 -1.50 19.95
CA ALA A 826 5.28 -2.52 19.67
C ALA A 826 3.90 -1.91 19.48
N ASN A 827 3.70 -0.71 20.04
CA ASN A 827 2.43 -0.01 19.96
C ASN A 827 2.29 0.89 18.73
N TYR A 828 3.36 0.92 17.93
CA TYR A 828 3.33 1.53 16.59
C TYR A 828 2.75 0.54 15.59
N TYR A 829 1.89 1.05 14.71
CA TYR A 829 1.20 0.29 13.68
C TYR A 829 1.32 1.01 12.34
N PRO A 830 1.09 0.29 11.24
CA PRO A 830 1.06 0.99 9.95
C PRO A 830 -0.10 1.98 9.91
N ILE A 831 0.12 3.17 9.33
CA ILE A 831 -0.96 4.10 9.04
C ILE A 831 -1.00 4.27 7.51
N PRO A 832 -1.49 3.25 6.79
CA PRO A 832 -1.43 3.35 5.34
C PRO A 832 -2.32 4.43 4.76
N SER A 833 -3.41 4.80 5.44
CA SER A 833 -4.26 5.88 4.97
C SER A 833 -5.01 6.68 6.03
N GLY A 834 -5.10 6.19 7.26
CA GLY A 834 -5.77 6.97 8.29
C GLY A 834 -5.75 6.34 9.64
N MET A 835 -6.10 7.16 10.62
CA MET A 835 -6.16 6.71 11.99
C MET A 835 -7.14 7.61 12.74
N PHE A 836 -7.74 7.09 13.81
CA PHE A 836 -8.63 7.91 14.62
C PHE A 836 -8.66 7.49 16.07
N ILE A 837 -9.07 8.45 16.91
CA ILE A 837 -9.43 8.19 18.31
C ILE A 837 -10.82 8.76 18.55
N GLU A 838 -11.54 8.17 19.50
CA GLU A 838 -12.86 8.66 19.84
C GLU A 838 -13.25 8.31 21.26
N ASP A 839 -14.19 9.08 21.79
CA ASP A 839 -14.91 8.70 23.01
C ASP A 839 -16.40 8.64 22.70
N ALA A 840 -17.25 8.73 23.71
CA ALA A 840 -18.68 8.69 23.49
C ALA A 840 -19.19 9.80 22.56
N ASN A 841 -18.53 10.96 22.61
CA ASN A 841 -19.05 12.15 21.94
C ASN A 841 -18.27 12.70 20.76
N THR A 842 -16.95 12.49 20.79
CA THR A 842 -16.03 13.20 19.88
C THR A 842 -15.08 12.24 19.23
N ARG A 843 -14.79 12.48 17.94
CA ARG A 843 -13.77 11.70 17.22
C ARG A 843 -12.81 12.67 16.54
N LEU A 844 -11.53 12.30 16.49
CA LEU A 844 -10.55 13.00 15.67
C LEU A 844 -9.94 11.99 14.71
N THR A 845 -10.04 12.27 13.40
CA THR A 845 -9.51 11.37 12.38
C THR A 845 -8.43 12.14 11.59
N LEU A 846 -7.28 11.48 11.41
CA LEU A 846 -6.19 12.01 10.58
C LEU A 846 -6.09 11.09 9.37
N LEU A 847 -6.38 11.62 8.19
CA LEU A 847 -6.24 10.90 6.91
C LEU A 847 -4.90 11.28 6.29
N THR A 848 -4.27 10.31 5.64
CA THR A 848 -2.93 10.52 5.05
C THR A 848 -2.88 10.31 3.53
N GLY A 849 -1.97 11.01 2.88
CA GLY A 849 -1.68 10.79 1.47
C GLY A 849 -0.49 9.89 1.21
N GLN A 850 -0.02 9.22 2.26
CA GLN A 850 1.16 8.36 2.19
C GLN A 850 1.16 7.47 3.41
N PRO A 851 1.67 6.23 3.28
CA PRO A 851 1.78 5.36 4.46
C PRO A 851 2.94 5.78 5.35
N LEU A 852 2.67 5.83 6.65
CA LEU A 852 3.67 6.19 7.67
C LEU A 852 3.37 5.39 8.94
N GLY A 853 4.27 5.36 9.91
CA GLY A 853 4.00 4.64 11.16
C GLY A 853 3.36 5.55 12.18
N GLY A 854 2.55 5.00 13.08
CA GLY A 854 1.93 5.85 14.08
C GLY A 854 1.32 5.10 15.22
N SER A 855 0.81 5.86 16.19
CA SER A 855 0.26 5.25 17.38
C SER A 855 -0.64 6.24 18.11
N SER A 856 -1.18 5.78 19.23
CA SER A 856 -1.77 6.65 20.25
C SER A 856 -1.14 6.20 21.57
N LEU A 857 -0.15 6.94 22.06
CA LEU A 857 0.64 6.48 23.21
C LEU A 857 0.05 6.91 24.56
N ALA A 858 -1.00 7.71 24.50
CA ALA A 858 -1.74 8.15 25.68
C ALA A 858 -3.12 8.58 25.26
N SER A 859 -4.06 8.52 26.20
CA SER A 859 -5.43 8.88 25.94
C SER A 859 -5.49 10.28 25.33
N GLY A 860 -6.27 10.44 24.27
CA GLY A 860 -6.46 11.71 23.61
C GLY A 860 -5.40 12.08 22.59
N GLU A 861 -4.39 11.22 22.39
CA GLU A 861 -3.32 11.51 21.44
C GLU A 861 -3.40 10.69 20.15
N LEU A 862 -2.88 11.29 19.09
CA LEU A 862 -2.52 10.58 17.85
C LEU A 862 -1.11 10.99 17.51
N GLU A 863 -0.31 10.11 16.91
CA GLU A 863 0.98 10.56 16.42
C GLU A 863 1.38 9.77 15.21
N ILE A 864 2.15 10.41 14.34
CA ILE A 864 2.53 9.79 13.07
C ILE A 864 3.93 10.26 12.70
N MET A 865 4.81 9.30 12.39
CA MET A 865 6.21 9.60 12.10
C MET A 865 6.34 10.23 10.71
N GLN A 866 7.22 11.24 10.61
CA GLN A 866 7.39 11.99 9.36
C GLN A 866 8.60 11.52 8.55
N ASP A 867 9.74 11.33 9.22
CA ASP A 867 10.93 10.76 8.59
C ASP A 867 11.86 10.27 9.70
N ARG A 868 12.85 9.48 9.29
CA ARG A 868 13.81 8.91 10.23
C ARG A 868 15.15 8.81 9.51
N ARG A 869 16.21 9.18 10.22
CA ARG A 869 17.56 9.16 9.67
C ARG A 869 18.41 8.42 10.69
N LEU A 870 18.97 7.30 10.26
CA LEU A 870 19.59 6.33 11.15
C LEU A 870 20.96 5.97 10.66
N ALA A 871 21.95 6.16 11.53
CA ALA A 871 23.32 5.94 11.12
C ALA A 871 23.72 4.45 11.08
N SER A 872 23.01 3.61 11.84
CA SER A 872 23.42 2.23 12.02
C SER A 872 22.57 1.24 11.24
N ASP A 873 23.19 0.12 10.86
CA ASP A 873 22.50 -1.05 10.37
C ASP A 873 21.82 -1.78 11.54
N ASP A 874 20.64 -2.36 11.28
CA ASP A 874 19.88 -3.07 12.31
C ASP A 874 19.86 -4.60 12.12
N GLU A 875 20.90 -5.14 11.50
CA GLU A 875 21.19 -6.57 11.56
C GLU A 875 20.13 -7.47 10.94
N ARG A 876 19.51 -6.98 9.87
CA ARG A 876 18.56 -7.79 9.07
C ARG A 876 19.00 -7.91 7.62
N GLY A 877 20.30 -7.71 7.38
CA GLY A 877 20.89 -8.00 6.08
C GLY A 877 21.05 -6.84 5.11
N LEU A 878 20.50 -5.68 5.45
CA LEU A 878 20.56 -4.53 4.55
C LEU A 878 22.00 -3.99 4.44
N GLY A 879 22.74 -4.06 5.54
CA GLY A 879 24.13 -3.62 5.53
C GLY A 879 24.33 -2.13 5.35
N GLN A 880 23.37 -1.31 5.78
CA GLN A 880 23.55 0.13 5.80
C GLN A 880 22.50 0.72 6.72
N GLY A 881 22.73 1.94 7.19
CA GLY A 881 21.68 2.74 7.82
C GLY A 881 20.78 3.42 6.79
N VAL A 882 20.03 4.39 7.27
CA VAL A 882 19.17 5.19 6.40
C VAL A 882 19.67 6.62 6.46
N LEU A 883 20.50 6.97 5.48
CA LEU A 883 21.17 8.29 5.45
C LEU A 883 20.94 9.00 4.11
N ASP A 884 19.95 8.53 3.35
CA ASP A 884 19.67 9.03 2.01
C ASP A 884 18.35 9.81 1.97
N ASN A 885 17.98 10.39 3.11
CA ASN A 885 16.76 11.20 3.18
C ASN A 885 16.77 12.32 2.16
N LYS A 886 15.57 12.66 1.70
CA LYS A 886 15.40 13.81 0.82
C LYS A 886 14.07 14.49 1.16
N PRO A 887 13.95 15.80 0.85
CA PRO A 887 12.70 16.51 1.17
C PRO A 887 11.48 15.81 0.59
N VAL A 888 10.43 15.72 1.41
CA VAL A 888 9.18 15.09 1.02
C VAL A 888 8.04 15.96 1.51
N LEU A 889 7.00 16.09 0.67
CA LEU A 889 5.80 16.83 1.07
C LEU A 889 4.71 15.83 1.49
N HIS A 890 4.54 15.68 2.79
CA HIS A 890 3.48 14.83 3.33
C HIS A 890 2.16 15.59 3.39
N ILE A 891 1.06 14.92 3.06
CA ILE A 891 -0.24 15.58 3.05
C ILE A 891 -1.24 14.82 3.91
N TYR A 892 -2.19 15.55 4.50
CA TYR A 892 -3.18 15.02 5.42
C TYR A 892 -4.45 15.81 5.38
N ARG A 893 -5.53 15.20 5.90
CA ARG A 893 -6.73 15.95 6.29
C ARG A 893 -7.01 15.64 7.75
N LEU A 894 -7.47 16.66 8.48
CA LEU A 894 -7.74 16.54 9.92
C LEU A 894 -9.20 16.81 10.19
N VAL A 895 -9.93 15.77 10.61
CA VAL A 895 -11.38 15.82 10.74
C VAL A 895 -11.82 15.63 12.19
N LEU A 896 -12.26 16.72 12.82
CA LEU A 896 -12.86 16.66 14.16
C LEU A 896 -14.36 16.59 13.98
N GLU A 897 -15.01 15.64 14.65
CA GLU A 897 -16.45 15.43 14.47
C GLU A 897 -17.11 15.05 15.78
N LYS A 898 -18.39 15.39 15.89
CA LYS A 898 -19.25 14.85 16.92
C LYS A 898 -19.78 13.49 16.45
N VAL A 899 -19.69 12.50 17.32
CA VAL A 899 -20.13 11.14 16.95
C VAL A 899 -21.15 10.55 17.94
N ASN A 900 -21.64 11.38 18.86
CA ASN A 900 -22.65 10.91 19.82
C ASN A 900 -23.93 10.36 19.18
N ASN A 901 -24.27 10.83 17.98
CA ASN A 901 -25.47 10.36 17.26
C ASN A 901 -25.21 9.22 16.28
N CYS A 902 -23.96 8.82 16.12
CA CYS A 902 -23.60 7.78 15.14
C CYS A 902 -23.91 6.39 15.67
N VAL A 903 -24.40 5.54 14.78
CA VAL A 903 -24.58 4.13 15.10
C VAL A 903 -23.23 3.43 14.92
N ARG A 904 -22.62 3.09 16.04
CA ARG A 904 -21.30 2.49 16.02
C ARG A 904 -21.35 1.03 16.40
N PRO A 905 -20.29 0.29 16.06
CA PRO A 905 -20.23 -1.10 16.52
C PRO A 905 -20.23 -1.15 18.05
N SER A 906 -20.61 -2.30 18.59
CA SER A 906 -20.54 -2.52 20.02
C SER A 906 -19.10 -2.51 20.51
N LYS A 907 -18.94 -2.42 21.82
CA LYS A 907 -17.62 -2.39 22.44
C LYS A 907 -16.77 -3.64 22.14
N LEU A 908 -17.38 -4.76 21.76
CA LEU A 908 -16.63 -5.99 21.49
C LEU A 908 -16.27 -6.19 20.01
N HIS A 909 -16.81 -5.34 19.15
CA HIS A 909 -16.56 -5.48 17.72
C HIS A 909 -15.11 -5.05 17.40
N PRO A 910 -14.36 -5.85 16.62
CA PRO A 910 -12.97 -5.49 16.32
C PRO A 910 -12.75 -4.43 15.23
N ALA A 911 -13.80 -3.94 14.57
CA ALA A 911 -13.66 -2.95 13.50
C ALA A 911 -14.13 -1.57 13.90
N GLY A 912 -13.73 -0.57 13.14
CA GLY A 912 -14.35 0.75 13.17
C GLY A 912 -14.60 1.21 11.75
N TYR A 913 -15.36 2.29 11.60
CA TYR A 913 -15.78 2.80 10.29
C TYR A 913 -15.73 4.31 10.27
N LEU A 914 -15.36 4.85 9.11
CA LEU A 914 -15.33 6.29 8.91
C LEU A 914 -16.72 6.87 8.76
N THR A 915 -16.81 8.17 9.01
CA THR A 915 -17.96 8.96 8.62
C THR A 915 -17.83 9.37 7.13
N SER A 916 -18.92 9.83 6.56
CA SER A 916 -18.89 10.40 5.21
C SER A 916 -17.83 11.49 5.06
N ALA A 917 -17.73 12.42 6.01
CA ALA A 917 -16.76 13.49 5.85
C ALA A 917 -15.34 12.96 5.85
N ALA A 918 -15.03 11.99 6.71
CA ALA A 918 -13.67 11.46 6.75
C ALA A 918 -13.33 10.65 5.49
N HIS A 919 -14.29 9.87 5.01
CA HIS A 919 -14.09 9.12 3.77
C HIS A 919 -13.85 10.06 2.58
N LYS A 920 -14.67 11.10 2.46
CA LYS A 920 -14.43 12.06 1.37
C LYS A 920 -13.09 12.76 1.52
N ALA A 921 -12.70 13.07 2.73
CA ALA A 921 -11.39 13.67 2.97
C ALA A 921 -10.27 12.71 2.52
N SER A 922 -10.39 11.41 2.82
CA SER A 922 -9.39 10.46 2.35
C SER A 922 -9.35 10.45 0.81
N GLN A 923 -10.50 10.44 0.16
CA GLN A 923 -10.55 10.47 -1.31
C GLN A 923 -9.91 11.74 -1.87
N SER A 924 -10.04 12.88 -1.15
CA SER A 924 -9.45 14.13 -1.62
C SER A 924 -7.93 14.05 -1.65
N LEU A 925 -7.35 13.20 -0.81
CA LEU A 925 -5.89 13.01 -0.74
C LEU A 925 -5.42 11.99 -1.77
N LEU A 926 -6.13 10.88 -1.88
CA LEU A 926 -5.63 9.78 -2.70
C LEU A 926 -6.04 9.89 -4.17
N ASP A 927 -7.22 10.43 -4.44
CA ASP A 927 -7.69 10.54 -5.82
C ASP A 927 -8.26 11.92 -6.08
N PRO A 928 -7.39 12.94 -6.05
CA PRO A 928 -7.82 14.32 -6.31
C PRO A 928 -8.23 14.48 -7.77
N LEU A 929 -8.82 15.62 -8.10
CA LEU A 929 -8.96 15.98 -9.50
C LEU A 929 -7.60 16.04 -10.18
N ASP A 930 -7.54 15.57 -11.43
CA ASP A 930 -6.37 15.78 -12.29
C ASP A 930 -6.51 17.08 -13.05
N LYS A 931 -5.40 17.79 -13.26
CA LYS A 931 -5.43 19.09 -13.93
C LYS A 931 -4.54 19.07 -15.17
N PHE A 932 -5.09 19.55 -16.29
CA PHE A 932 -4.40 19.53 -17.59
C PHE A 932 -4.36 20.96 -18.13
N ILE A 933 -3.18 21.38 -18.61
CA ILE A 933 -3.02 22.70 -19.21
C ILE A 933 -2.78 22.51 -20.70
N PHE A 934 -3.64 23.12 -21.54
CA PHE A 934 -3.49 22.95 -22.99
C PHE A 934 -2.15 23.57 -23.42
N ALA A 935 -1.35 22.83 -24.18
CA ALA A 935 0.02 23.26 -24.48
C ALA A 935 0.12 24.34 -25.56
N GLU A 936 -0.65 24.17 -26.64
CA GLU A 936 -0.59 25.07 -27.79
C GLU A 936 -1.39 26.37 -27.53
N ASN A 937 -1.33 27.29 -28.48
CA ASN A 937 -2.01 28.56 -28.30
C ASN A 937 -3.52 28.48 -28.45
N GLU A 938 -3.99 27.65 -29.38
CA GLU A 938 -5.42 27.52 -29.65
C GLU A 938 -5.82 26.06 -29.78
N TRP A 939 -6.89 25.70 -29.10
CA TRP A 939 -7.46 24.35 -29.15
C TRP A 939 -8.69 24.35 -30.07
N ILE A 940 -8.47 23.96 -31.33
CA ILE A 940 -9.57 23.97 -32.31
C ILE A 940 -10.50 22.77 -32.04
N GLY A 941 -11.80 23.03 -31.95
CA GLY A 941 -12.80 21.98 -31.73
C GLY A 941 -12.99 21.59 -30.27
N ALA A 942 -12.49 22.42 -29.36
CA ALA A 942 -12.59 22.15 -27.91
C ALA A 942 -14.03 22.03 -27.44
N GLN A 943 -14.27 21.09 -26.52
CA GLN A 943 -15.57 20.87 -25.92
C GLN A 943 -15.53 21.13 -24.42
N GLY A 944 -16.67 21.43 -23.82
CA GLY A 944 -16.72 21.92 -22.46
C GLY A 944 -16.78 20.85 -21.39
N GLN A 945 -17.22 19.66 -21.77
CA GLN A 945 -17.48 18.62 -20.77
C GLN A 945 -17.51 17.24 -21.38
N PHE A 946 -17.14 16.26 -20.56
CA PHE A 946 -17.32 14.85 -20.89
C PHE A 946 -17.89 14.17 -19.65
N GLY A 947 -18.88 13.30 -19.86
CA GLY A 947 -19.40 12.49 -18.77
C GLY A 947 -20.58 13.06 -18.03
N GLY A 948 -21.20 14.12 -18.55
CA GLY A 948 -22.36 14.71 -17.90
C GLY A 948 -23.51 13.74 -17.73
N ASP A 949 -23.55 12.72 -18.58
CA ASP A 949 -24.59 11.70 -18.51
C ASP A 949 -24.20 10.44 -17.69
N HIS A 950 -22.98 10.43 -17.13
CA HIS A 950 -22.56 9.32 -16.27
C HIS A 950 -23.34 9.32 -14.95
N PRO A 951 -23.80 8.13 -14.48
CA PRO A 951 -24.51 8.10 -13.19
C PRO A 951 -23.64 8.58 -12.02
N SER A 952 -24.25 9.32 -11.12
CA SER A 952 -23.58 9.81 -9.92
C SER A 952 -23.92 8.86 -8.78
N ALA A 953 -23.01 7.95 -8.48
CA ALA A 953 -23.30 6.83 -7.58
C ALA A 953 -23.26 7.25 -6.13
N ARG A 954 -23.92 6.47 -5.27
CA ARG A 954 -23.87 6.70 -3.85
CA ARG A 954 -23.87 6.67 -3.84
C ARG A 954 -22.44 6.86 -3.34
N GLU A 955 -22.27 7.71 -2.35
CA GLU A 955 -20.94 8.15 -1.92
C GLU A 955 -20.03 7.05 -1.41
N ASP A 956 -20.60 5.94 -0.97
CA ASP A 956 -19.78 4.84 -0.45
C ASP A 956 -19.29 3.89 -1.54
N LEU A 957 -19.69 4.10 -2.78
CA LEU A 957 -19.28 3.23 -3.88
CA LEU A 957 -19.29 3.23 -3.90
C LEU A 957 -18.18 3.88 -4.71
N ASP A 958 -17.18 3.09 -5.08
CA ASP A 958 -16.12 3.55 -5.96
C ASP A 958 -15.92 2.57 -7.12
N VAL A 959 -15.58 3.12 -8.29
CA VAL A 959 -15.05 2.33 -9.40
C VAL A 959 -13.53 2.38 -9.24
N SER A 960 -13.01 1.41 -8.47
CA SER A 960 -11.60 1.37 -8.12
C SER A 960 -10.72 1.21 -9.35
N VAL A 961 -11.21 0.40 -10.31
CA VAL A 961 -10.49 0.13 -11.56
C VAL A 961 -11.49 0.17 -12.72
N MET A 962 -11.11 0.86 -13.79
CA MET A 962 -11.76 0.70 -15.10
C MET A 962 -10.62 0.42 -16.07
N ARG A 963 -10.67 -0.71 -16.76
CA ARG A 963 -9.58 -1.14 -17.62
C ARG A 963 -10.12 -1.82 -18.88
N ARG A 964 -9.83 -1.28 -20.05
CA ARG A 964 -10.16 -2.02 -21.28
C ARG A 964 -9.24 -3.23 -21.39
N LEU A 965 -9.82 -4.39 -21.66
CA LEU A 965 -9.11 -5.66 -21.60
C LEU A 965 -8.69 -6.19 -22.96
N THR A 966 -9.19 -5.56 -24.03
CA THR A 966 -8.95 -6.00 -25.41
C THR A 966 -8.26 -4.92 -26.20
N LYS A 967 -7.41 -5.36 -27.14
CA LYS A 967 -6.81 -4.45 -28.12
C LYS A 967 -7.81 -4.19 -29.25
N SER A 968 -7.45 -3.25 -30.13
CA SER A 968 -8.41 -2.76 -31.12
C SER A 968 -8.82 -3.79 -32.16
N SER A 969 -8.00 -4.83 -32.34
CA SER A 969 -8.28 -5.90 -33.32
C SER A 969 -9.41 -6.84 -32.91
N ALA A 970 -9.78 -6.88 -31.62
CA ALA A 970 -10.83 -7.78 -31.13
C ALA A 970 -12.21 -7.34 -31.60
N LYS A 971 -12.93 -8.24 -32.27
CA LYS A 971 -14.31 -7.97 -32.72
C LYS A 971 -15.22 -7.65 -31.53
N THR A 972 -15.07 -8.41 -30.45
CA THR A 972 -15.82 -8.14 -29.23
C THR A 972 -14.89 -7.45 -28.22
N GLN A 973 -15.15 -6.18 -27.95
CA GLN A 973 -14.38 -5.41 -26.97
C GLN A 973 -14.84 -5.76 -25.57
N ARG A 974 -13.89 -5.80 -24.63
CA ARG A 974 -14.21 -6.11 -23.23
C ARG A 974 -13.64 -5.06 -22.32
N VAL A 975 -14.44 -4.61 -21.36
CA VAL A 975 -13.98 -3.61 -20.38
C VAL A 975 -14.24 -4.16 -18.99
N GLY A 976 -13.21 -4.12 -18.15
CA GLY A 976 -13.30 -4.61 -16.78
C GLY A 976 -13.40 -3.48 -15.76
N TYR A 977 -14.21 -3.73 -14.74
CA TYR A 977 -14.44 -2.79 -13.64
C TYR A 977 -14.26 -3.52 -12.32
N VAL A 978 -13.55 -2.87 -11.39
CA VAL A 978 -13.55 -3.32 -10.01
C VAL A 978 -14.35 -2.29 -9.22
N LEU A 979 -15.41 -2.76 -8.57
CA LEU A 979 -16.31 -1.92 -7.77
C LEU A 979 -16.10 -2.22 -6.30
N HIS A 980 -15.85 -1.19 -5.52
CA HIS A 980 -15.67 -1.34 -4.09
C HIS A 980 -16.69 -0.50 -3.32
N ARG A 981 -17.45 -1.10 -2.40
CA ARG A 981 -18.29 -0.29 -1.50
CA ARG A 981 -18.28 -0.30 -1.51
C ARG A 981 -17.69 -0.35 -0.12
N THR A 982 -17.40 0.83 0.43
CA THR A 982 -16.96 0.91 1.81
C THR A 982 -18.18 0.89 2.73
N ASN A 983 -17.99 1.07 4.03
CA ASN A 983 -19.11 1.21 4.95
C ASN A 983 -18.89 2.46 5.77
N LEU A 984 -19.88 3.36 5.71
CA LEU A 984 -19.83 4.64 6.42
C LEU A 984 -20.83 4.62 7.55
N MET A 985 -20.48 5.26 8.65
CA MET A 985 -21.42 5.29 9.79
C MET A 985 -22.69 6.06 9.52
N GLN A 986 -23.79 5.54 10.06
CA GLN A 986 -25.07 6.26 10.03
CA GLN A 986 -25.08 6.24 10.03
C GLN A 986 -25.07 7.23 11.19
N CYS A 987 -25.14 8.53 10.88
CA CYS A 987 -25.10 9.55 11.94
C CYS A 987 -26.25 10.54 11.85
N GLY A 988 -27.30 10.20 11.12
CA GLY A 988 -28.50 11.05 11.09
C GLY A 988 -28.55 12.06 9.96
N THR A 989 -27.65 11.93 9.00
CA THR A 989 -27.74 12.77 7.81
C THR A 989 -28.65 12.08 6.80
N PRO A 990 -29.81 12.70 6.49
CA PRO A 990 -30.76 12.07 5.58
C PRO A 990 -30.09 11.72 4.26
N GLU A 991 -30.40 10.54 3.73
CA GLU A 991 -29.87 10.13 2.45
C GLU A 991 -30.67 10.82 1.35
N GLU A 992 -29.97 11.46 0.43
CA GLU A 992 -30.61 11.96 -0.78
C GLU A 992 -30.48 10.89 -1.86
N HIS A 993 -31.51 10.79 -2.69
CA HIS A 993 -31.50 9.85 -3.81
C HIS A 993 -30.28 10.10 -4.69
N THR A 994 -29.58 9.02 -5.01
CA THR A 994 -28.49 9.04 -5.99
C THR A 994 -28.87 8.05 -7.07
N GLN A 995 -28.09 7.97 -8.15
CA GLN A 995 -28.42 7.07 -9.24
C GLN A 995 -27.70 5.74 -9.12
N LYS A 996 -28.42 4.68 -9.49
CA LYS A 996 -27.84 3.34 -9.61
C LYS A 996 -26.70 3.39 -10.62
N LEU A 997 -25.58 2.82 -10.22
CA LEU A 997 -24.47 2.68 -11.15
C LEU A 997 -24.43 1.27 -11.69
N ASP A 998 -24.66 1.15 -13.00
CA ASP A 998 -24.49 -0.11 -13.69
C ASP A 998 -23.31 0.03 -14.62
N VAL A 999 -22.16 -0.50 -14.20
CA VAL A 999 -20.96 -0.34 -15.01
C VAL A 999 -21.07 -1.01 -16.39
N CYS A 1000 -21.92 -2.02 -16.50
CA CYS A 1000 -21.97 -2.73 -17.78
C CYS A 1000 -22.62 -1.91 -18.90
N HIS A 1001 -23.33 -0.84 -18.54
CA HIS A 1001 -23.91 0.07 -19.52
C HIS A 1001 -23.16 1.41 -19.68
N LEU A 1002 -21.97 1.54 -19.08
CA LEU A 1002 -21.20 2.78 -19.23
C LEU A 1002 -20.71 2.98 -20.66
N LEU A 1003 -20.40 1.88 -21.35
CA LEU A 1003 -20.06 1.92 -22.76
C LEU A 1003 -21.25 1.39 -23.56
N PRO A 1004 -21.49 1.96 -24.74
CA PRO A 1004 -22.65 1.56 -25.53
C PRO A 1004 -22.51 0.18 -26.16
N ASN A 1005 -23.64 -0.32 -26.66
CA ASN A 1005 -23.66 -1.57 -27.43
C ASN A 1005 -23.23 -2.78 -26.61
N VAL A 1006 -23.61 -2.80 -25.34
CA VAL A 1006 -23.29 -3.96 -24.51
C VAL A 1006 -24.01 -5.20 -25.05
N ALA A 1007 -23.28 -6.31 -25.11
CA ALA A 1007 -23.78 -7.60 -25.59
C ALA A 1007 -23.77 -8.67 -24.50
N ARG A 1008 -22.96 -8.48 -23.46
CA ARG A 1008 -22.86 -9.43 -22.37
C ARG A 1008 -22.28 -8.69 -21.16
N CYS A 1009 -22.67 -9.13 -19.97
CA CYS A 1009 -22.08 -8.59 -18.71
C CYS A 1009 -21.84 -9.78 -17.80
N GLU A 1010 -20.62 -9.90 -17.27
CA GLU A 1010 -20.23 -11.05 -16.47
C GLU A 1010 -19.62 -10.57 -15.17
N ARG A 1011 -19.94 -11.25 -14.07
CA ARG A 1011 -19.17 -11.07 -12.84
C ARG A 1011 -17.94 -11.97 -12.94
N THR A 1012 -16.79 -11.43 -12.57
CA THR A 1012 -15.53 -12.17 -12.67
C THR A 1012 -14.79 -12.12 -11.33
N THR A 1013 -13.75 -12.95 -11.23
CA THR A 1013 -12.76 -12.78 -10.18
C THR A 1013 -12.12 -11.38 -10.29
N LEU A 1014 -11.49 -10.92 -9.20
CA LEU A 1014 -10.99 -9.53 -9.19
C LEU A 1014 -9.88 -9.26 -10.21
N THR A 1015 -9.22 -10.33 -10.67
CA THR A 1015 -8.17 -10.25 -11.67
C THR A 1015 -8.71 -10.28 -13.10
N PHE A 1016 -10.03 -10.44 -13.22
CA PHE A 1016 -10.74 -10.56 -14.51
C PHE A 1016 -10.51 -11.90 -15.22
N LEU A 1017 -9.85 -12.85 -14.57
CA LEU A 1017 -9.41 -14.06 -15.28
C LEU A 1017 -10.40 -15.20 -15.32
N GLN A 1018 -11.47 -15.16 -14.53
CA GLN A 1018 -12.46 -16.24 -14.55
C GLN A 1018 -13.85 -15.64 -14.46
N ASN A 1019 -14.73 -16.09 -15.35
CA ASN A 1019 -16.12 -15.68 -15.35
C ASN A 1019 -16.86 -16.47 -14.30
N LEU A 1020 -17.56 -15.78 -13.41
CA LEU A 1020 -18.26 -16.41 -12.29
C LEU A 1020 -19.78 -16.45 -12.49
N GLU A 1021 -20.32 -15.47 -13.21
CA GLU A 1021 -21.77 -15.34 -13.38
C GLU A 1021 -22.07 -14.57 -14.66
N HIS A 1022 -23.01 -15.10 -15.45
CA HIS A 1022 -23.52 -14.41 -16.62
C HIS A 1022 -24.76 -13.64 -16.18
N LEU A 1023 -24.72 -12.33 -16.33
CA LEU A 1023 -25.67 -11.46 -15.65
C LEU A 1023 -26.92 -11.14 -16.46
N ASP A 1024 -28.06 -11.39 -15.84
CA ASP A 1024 -29.38 -11.09 -16.40
C ASP A 1024 -29.51 -9.64 -16.80
N GLY A 1025 -30.00 -9.43 -18.02
CA GLY A 1025 -30.27 -8.10 -18.53
C GLY A 1025 -29.02 -7.28 -18.79
N MET A 1026 -27.85 -7.93 -18.71
CA MET A 1026 -26.56 -7.25 -18.86
C MET A 1026 -26.37 -6.13 -17.85
N VAL A 1027 -26.91 -6.32 -16.65
CA VAL A 1027 -26.85 -5.33 -15.58
C VAL A 1027 -25.93 -5.83 -14.46
N ALA A 1028 -24.95 -5.00 -14.10
CA ALA A 1028 -24.00 -5.33 -13.06
C ALA A 1028 -24.54 -4.77 -11.77
N PRO A 1029 -24.95 -5.64 -10.83
CA PRO A 1029 -25.51 -5.13 -9.59
C PRO A 1029 -24.45 -4.43 -8.73
N GLU A 1030 -24.88 -3.45 -7.95
CA GLU A 1030 -24.01 -2.86 -6.97
C GLU A 1030 -23.70 -3.84 -5.84
N VAL A 1031 -22.60 -3.60 -5.17
CA VAL A 1031 -22.09 -4.51 -4.16
C VAL A 1031 -22.53 -4.09 -2.77
N CYS A 1032 -22.42 -5.01 -1.82
CA CYS A 1032 -22.73 -4.78 -0.42
C CYS A 1032 -21.63 -3.99 0.29
N PRO A 1033 -21.95 -3.36 1.44
CA PRO A 1033 -20.92 -2.68 2.21
C PRO A 1033 -19.76 -3.62 2.56
N MET A 1034 -18.55 -3.10 2.36
CA MET A 1034 -17.27 -3.79 2.58
C MET A 1034 -16.94 -4.85 1.54
N GLU A 1035 -17.75 -4.96 0.50
CA GLU A 1035 -17.51 -5.93 -0.56
C GLU A 1035 -16.88 -5.26 -1.77
N THR A 1036 -16.16 -6.07 -2.54
CA THR A 1036 -15.52 -5.67 -3.78
C THR A 1036 -15.88 -6.72 -4.80
N ALA A 1037 -16.34 -6.30 -5.98
CA ALA A 1037 -16.69 -7.22 -7.06
C ALA A 1037 -16.06 -6.73 -8.34
N ALA A 1038 -15.93 -7.63 -9.31
CA ALA A 1038 -15.44 -7.27 -10.62
C ALA A 1038 -16.45 -7.68 -11.68
N TYR A 1039 -16.58 -6.84 -12.69
CA TYR A 1039 -17.47 -7.12 -13.81
C TYR A 1039 -16.75 -6.83 -15.10
N VAL A 1040 -17.10 -7.58 -16.14
CA VAL A 1040 -16.58 -7.33 -17.48
C VAL A 1040 -17.77 -7.20 -18.41
N SER A 1041 -17.83 -6.08 -19.11
CA SER A 1041 -18.84 -5.86 -20.14
C SER A 1041 -18.22 -6.13 -21.51
N SER A 1042 -18.99 -6.80 -22.36
CA SER A 1042 -18.58 -7.09 -23.72
C SER A 1042 -19.44 -6.27 -24.68
N HIS A 1043 -18.82 -5.75 -25.73
CA HIS A 1043 -19.47 -4.78 -26.63
C HIS A 1043 -19.26 -5.16 -28.06
N SER A 1044 -20.37 -5.12 -28.80
CA SER A 1044 -20.40 -5.62 -30.17
C SER A 1044 -19.97 -4.57 -31.18
N SER A 1045 -19.88 -3.33 -30.73
CA SER A 1045 -19.43 -2.20 -31.55
C SER A 1045 -18.99 -1.03 -30.67
#